data_7X7E
#
_entry.id   7X7E
#
_cell.length_a   73.790
_cell.length_b   88.684
_cell.length_c   172.475
_cell.angle_alpha   90.000
_cell.angle_beta   90.000
_cell.angle_gamma   90.000
#
_symmetry.space_group_name_H-M   'P 21 21 21'
#
loop_
_entity.id
_entity.type
_entity.pdbx_description
1 polymer 'Spike protein S1'
2 polymer Nb22
3 non-polymer 'TETRAETHYLENE GLYCOL'
4 water water
#
loop_
_entity_poly.entity_id
_entity_poly.type
_entity_poly.pdbx_seq_one_letter_code
_entity_poly.pdbx_strand_id
1 'polypeptide(L)'
;NLCPFGEVFNATRFASVYAWNRKRISNCVADYSVLYNSASFSTFKCYGVSPTKLNDLCFTNVYADSFVIRGDEVRQIAPG
QTGKIADYNYKLPDDFTGCVIAWNSNNLDSKVGGNYNYLYRLFRKSNLKPFERDISTEIYQAGSTPCNGVEGFNCYFPLQ
SYGFQPTNGVGYQPYRVVVLSFELLHAPATVCGP
;
C,D,F
2 'polypeptide(L)'
;GPQVQLVESGGNLVQPGGSLRLSCAASGGTLASFAVGWFRQAPGKEREGVSCIDVINRANYADSVKGRFTISRDSAKNTV
YLQMNSLEPEDTAVYSCAAHFVPPGSRLRGCLVNELYNYWGQGTQVTVSS
;
A,E,B
#
loop_
_chem_comp.id
_chem_comp.type
_chem_comp.name
_chem_comp.formula
PG4 non-polymer 'TETRAETHYLENE GLYCOL' 'C8 H18 O5'
#
# COMPACT_ATOMS: atom_id res chain seq x y z
N ASN A 1 13.49 -9.89 33.27
CA ASN A 1 12.33 -9.58 32.44
C ASN A 1 11.98 -8.10 32.51
N LEU A 2 12.91 -7.25 32.07
CA LEU A 2 12.68 -5.82 32.08
C LEU A 2 11.71 -5.40 30.98
N CYS A 3 10.90 -4.40 31.28
CA CYS A 3 9.99 -3.86 30.27
C CYS A 3 10.79 -3.12 29.21
N PRO A 4 10.50 -3.33 27.92
CA PRO A 4 11.29 -2.70 26.85
C PRO A 4 10.99 -1.22 26.67
N PHE A 5 11.42 -0.42 27.65
CA PHE A 5 11.24 1.03 27.57
C PHE A 5 12.28 1.67 26.65
N GLY A 6 13.46 1.07 26.52
CA GLY A 6 14.46 1.61 25.62
C GLY A 6 14.07 1.51 24.16
N GLU A 7 13.37 0.44 23.78
CA GLU A 7 12.84 0.34 22.42
C GLU A 7 11.95 1.52 22.09
N VAL A 8 11.21 2.04 23.07
CA VAL A 8 10.27 3.13 22.83
C VAL A 8 11.00 4.46 22.74
N PHE A 9 11.79 4.79 23.77
CA PHE A 9 12.39 6.12 23.86
C PHE A 9 13.57 6.28 22.92
N ASN A 10 14.42 5.27 22.79
CA ASN A 10 15.63 5.35 21.99
C ASN A 10 15.45 4.80 20.57
N ALA A 11 14.23 4.76 20.07
CA ALA A 11 14.01 4.31 18.70
C ALA A 11 14.62 5.32 17.71
N THR A 12 15.17 4.81 16.62
CA THR A 12 15.72 5.69 15.60
C THR A 12 14.62 6.48 14.92
N ARG A 13 13.58 5.80 14.46
CA ARG A 13 12.46 6.44 13.79
C ARG A 13 11.28 6.57 14.74
N PHE A 14 10.62 7.73 14.69
CA PHE A 14 9.36 7.96 15.38
C PHE A 14 8.25 8.13 14.37
N ALA A 15 7.05 7.74 14.76
CA ALA A 15 5.91 7.78 13.85
C ALA A 15 5.39 9.20 13.69
N SER A 16 4.76 9.44 12.54
CA SER A 16 3.95 10.64 12.40
C SER A 16 2.74 10.55 13.33
N VAL A 17 2.26 11.72 13.77
CA VAL A 17 1.28 11.74 14.84
C VAL A 17 -0.04 11.10 14.39
N TYR A 18 -0.45 11.31 13.14
CA TYR A 18 -1.70 10.73 12.69
C TYR A 18 -1.63 9.22 12.65
N ALA A 19 -0.43 8.66 12.44
CA ALA A 19 -0.24 7.22 12.45
C ALA A 19 0.58 6.82 13.68
N TRP A 20 0.19 7.36 14.84
CA TRP A 20 0.99 7.19 16.04
C TRP A 20 1.20 5.72 16.38
N ASN A 21 2.42 5.39 16.81
CA ASN A 21 2.78 4.03 17.10
C ASN A 21 2.32 3.65 18.51
N ARG A 22 2.14 2.35 18.72
CA ARG A 22 1.74 1.85 20.03
C ARG A 22 2.35 0.47 20.27
N LYS A 23 3.02 0.33 21.43
CA LYS A 23 3.57 -0.95 21.87
C LYS A 23 2.97 -1.32 23.21
N ARG A 24 2.42 -2.53 23.32
CA ARG A 24 1.85 -2.99 24.58
C ARG A 24 2.96 -3.49 25.50
N ILE A 25 2.89 -3.08 26.75
CA ILE A 25 3.85 -3.48 27.77
C ILE A 25 3.11 -4.32 28.80
N SER A 26 3.50 -5.59 28.94
CA SER A 26 2.87 -6.47 29.90
C SER A 26 3.87 -7.52 30.37
N ASN A 27 3.61 -8.06 31.56
CA ASN A 27 4.37 -9.16 32.14
C ASN A 27 5.86 -8.87 32.16
N CYS A 28 6.22 -7.81 32.89
CA CYS A 28 7.62 -7.38 32.97
C CYS A 28 7.79 -6.44 34.15
N VAL A 29 9.05 -6.10 34.41
CA VAL A 29 9.44 -5.20 35.49
C VAL A 29 9.75 -3.84 34.88
N ALA A 30 8.90 -2.86 35.17
CA ALA A 30 9.07 -1.50 34.64
C ALA A 30 9.99 -0.73 35.57
N ASP A 31 11.23 -0.52 35.14
CA ASP A 31 12.21 0.25 35.91
C ASP A 31 12.18 1.69 35.42
N TYR A 32 11.32 2.50 36.05
CA TYR A 32 11.20 3.90 35.68
C TYR A 32 12.40 4.73 36.11
N SER A 33 13.42 4.11 36.70
CA SER A 33 14.65 4.85 37.03
C SER A 33 15.29 5.45 35.80
N VAL A 34 15.08 4.85 34.63
CA VAL A 34 15.67 5.38 33.41
C VAL A 34 15.05 6.73 33.03
N LEU A 35 13.78 6.94 33.36
CA LEU A 35 13.17 8.24 33.10
C LEU A 35 13.54 9.26 34.15
N TYR A 36 13.80 8.81 35.39
CA TYR A 36 14.22 9.73 36.44
C TYR A 36 15.62 10.27 36.20
N ASN A 37 16.50 9.47 35.59
CA ASN A 37 17.88 9.89 35.42
C ASN A 37 18.02 10.94 34.32
N SER A 38 17.24 10.80 33.25
CA SER A 38 17.37 11.70 32.12
C SER A 38 16.93 13.11 32.47
N ALA A 39 17.67 14.10 31.98
CA ALA A 39 17.37 15.50 32.21
C ALA A 39 16.93 16.21 30.93
N SER A 40 16.78 15.47 29.83
CA SER A 40 16.43 16.06 28.53
C SER A 40 14.94 16.26 28.34
N PHE A 41 14.11 15.79 29.26
CA PHE A 41 12.66 15.87 29.06
C PHE A 41 12.17 17.29 29.21
N SER A 42 11.60 17.84 28.12
N SER A 42 11.61 17.84 28.13
CA SER A 42 10.98 19.16 28.20
CA SER A 42 10.98 19.17 28.21
C SER A 42 9.58 19.11 28.81
C SER A 42 9.60 19.10 28.84
N THR A 43 8.96 17.93 28.84
CA THR A 43 7.64 17.75 29.41
C THR A 43 7.61 16.42 30.13
N PHE A 44 7.09 16.43 31.37
CA PHE A 44 6.93 15.19 32.15
C PHE A 44 5.74 15.43 33.08
N LYS A 45 4.54 15.09 32.61
CA LYS A 45 3.31 15.32 33.35
C LYS A 45 2.56 14.00 33.48
N CYS A 46 2.24 13.63 34.71
CA CYS A 46 1.45 12.43 34.98
C CYS A 46 0.07 12.83 35.46
N TYR A 47 -0.94 12.05 35.06
CA TYR A 47 -2.33 12.33 35.36
C TYR A 47 -2.93 11.14 36.09
N GLY A 48 -3.59 11.41 37.23
CA GLY A 48 -4.25 10.36 37.98
C GLY A 48 -3.27 9.46 38.68
N VAL A 49 -1.99 9.86 38.67
CA VAL A 49 -0.93 9.08 39.28
C VAL A 49 0.21 10.02 39.63
N SER A 50 0.86 9.75 40.75
CA SER A 50 1.95 10.60 41.21
C SER A 50 3.22 10.28 40.42
N PRO A 51 3.87 11.28 39.84
CA PRO A 51 5.02 11.00 38.96
C PRO A 51 6.21 10.38 39.68
N THR A 52 6.32 10.55 41.00
CA THR A 52 7.46 10.05 41.75
C THR A 52 7.22 8.67 42.34
N LYS A 53 6.05 8.07 42.11
CA LYS A 53 5.71 6.77 42.69
C LYS A 53 5.58 5.67 41.64
N LEU A 54 6.02 5.93 40.40
CA LEU A 54 5.86 4.96 39.33
C LEU A 54 6.56 3.64 39.66
N ASN A 55 7.72 3.72 40.30
CA ASN A 55 8.45 2.51 40.68
C ASN A 55 7.79 1.74 41.82
N ASP A 56 6.66 2.20 42.34
CA ASP A 56 6.00 1.57 43.47
C ASP A 56 4.55 1.18 43.19
N LEU A 57 4.10 1.26 41.95
CA LEU A 57 2.74 0.89 41.59
C LEU A 57 2.74 -0.25 40.59
N CYS A 58 1.65 -1.02 40.58
CA CYS A 58 1.47 -2.16 39.69
C CYS A 58 0.24 -1.95 38.84
N PHE A 59 0.31 -2.37 37.58
CA PHE A 59 -0.77 -2.19 36.63
C PHE A 59 -1.02 -3.48 35.87
N THR A 60 -2.25 -3.62 35.37
CA THR A 60 -2.59 -4.78 34.55
C THR A 60 -1.80 -4.78 33.26
N ASN A 61 -1.84 -3.66 32.52
CA ASN A 61 -1.03 -3.49 31.33
C ASN A 61 -0.62 -2.03 31.23
N VAL A 62 0.46 -1.78 30.50
CA VAL A 62 0.90 -0.44 30.18
C VAL A 62 1.00 -0.31 28.66
N TYR A 63 0.60 0.84 28.14
CA TYR A 63 0.75 1.14 26.73
C TYR A 63 1.61 2.39 26.56
N ALA A 64 2.52 2.33 25.59
CA ALA A 64 3.44 3.42 25.27
C ALA A 64 3.19 3.86 23.82
N ASP A 65 2.59 5.04 23.67
CA ASP A 65 2.31 5.66 22.38
C ASP A 65 3.35 6.73 22.07
N SER A 66 3.87 6.71 20.85
CA SER A 66 4.99 7.58 20.49
C SER A 66 4.76 8.17 19.10
N PHE A 67 5.12 9.44 18.96
CA PHE A 67 4.93 10.19 17.72
C PHE A 67 5.72 11.50 17.83
N VAL A 68 5.70 12.28 16.76
CA VAL A 68 6.42 13.55 16.68
C VAL A 68 5.42 14.65 16.35
N ILE A 69 5.53 15.77 17.07
CA ILE A 69 4.70 16.95 16.83
C ILE A 69 5.56 18.20 17.06
N ARG A 70 4.95 19.37 16.83
CA ARG A 70 5.59 20.64 17.10
C ARG A 70 5.62 20.92 18.61
N GLY A 71 6.41 21.92 19.00
CA GLY A 71 6.50 22.28 20.40
C GLY A 71 5.22 22.89 20.94
N ASP A 72 4.61 23.80 20.17
CA ASP A 72 3.37 24.44 20.58
C ASP A 72 2.17 23.50 20.57
N GLU A 73 2.38 22.22 20.27
CA GLU A 73 1.29 21.25 20.26
C GLU A 73 1.42 20.22 21.38
N VAL A 74 2.54 20.18 22.10
CA VAL A 74 2.70 19.23 23.20
C VAL A 74 1.63 19.47 24.27
N ARG A 75 1.17 20.72 24.41
CA ARG A 75 0.10 21.00 25.35
C ARG A 75 -1.21 20.34 24.98
N GLN A 76 -1.40 19.97 23.72
CA GLN A 76 -2.60 19.25 23.30
C GLN A 76 -2.55 17.76 23.65
N ILE A 77 -1.43 17.27 24.17
CA ILE A 77 -1.32 15.88 24.60
C ILE A 77 -1.62 15.83 26.09
N ALA A 78 -2.83 16.25 26.46
CA ALA A 78 -3.29 16.25 27.84
C ALA A 78 -4.80 15.99 27.82
N PRO A 79 -5.34 15.37 28.86
CA PRO A 79 -6.79 15.11 28.87
C PRO A 79 -7.59 16.40 28.83
N GLY A 80 -8.70 16.36 28.09
CA GLY A 80 -9.60 17.50 27.99
C GLY A 80 -9.19 18.58 27.01
N GLN A 81 -8.12 18.38 26.25
CA GLN A 81 -7.58 19.40 25.36
C GLN A 81 -8.30 19.38 24.01
N THR A 82 -8.04 20.43 23.21
CA THR A 82 -8.59 20.56 21.87
C THR A 82 -7.50 21.08 20.94
N GLY A 83 -7.85 21.25 19.67
CA GLY A 83 -6.91 21.62 18.64
C GLY A 83 -6.77 20.53 17.60
N LYS A 84 -5.98 20.86 16.56
CA LYS A 84 -5.86 19.94 15.42
C LYS A 84 -5.28 18.60 15.86
N ILE A 85 -4.32 18.61 16.78
CA ILE A 85 -3.71 17.34 17.21
C ILE A 85 -4.68 16.56 18.09
N ALA A 86 -5.22 17.20 19.13
CA ALA A 86 -6.10 16.51 20.06
C ALA A 86 -7.40 16.05 19.38
N ASP A 87 -7.91 16.84 18.45
CA ASP A 87 -9.18 16.50 17.79
C ASP A 87 -9.01 15.54 16.64
N TYR A 88 -7.95 15.67 15.85
CA TYR A 88 -7.83 14.94 14.59
C TYR A 88 -6.70 13.92 14.51
N ASN A 89 -5.79 13.88 15.49
CA ASN A 89 -4.63 13.01 15.36
C ASN A 89 -4.44 12.07 16.54
N TYR A 90 -4.37 12.60 17.75
CA TYR A 90 -4.17 11.76 18.93
C TYR A 90 -4.94 12.36 20.10
N LYS A 91 -5.83 11.57 20.70
CA LYS A 91 -6.75 12.06 21.70
C LYS A 91 -6.64 11.20 22.96
N LEU A 92 -6.48 11.85 24.11
CA LEU A 92 -6.45 11.25 25.44
C LEU A 92 -7.84 11.30 26.07
N PRO A 93 -8.24 10.25 26.78
CA PRO A 93 -9.53 10.29 27.48
C PRO A 93 -9.47 11.22 28.67
N ASP A 94 -10.65 11.70 29.09
CA ASP A 94 -10.72 12.63 30.21
C ASP A 94 -10.23 11.98 31.50
N ASP A 95 -10.56 10.70 31.70
CA ASP A 95 -10.09 9.94 32.84
C ASP A 95 -8.73 9.30 32.60
N PHE A 96 -7.86 9.95 31.82
CA PHE A 96 -6.56 9.38 31.50
C PHE A 96 -5.74 9.13 32.75
N THR A 97 -5.15 7.95 32.84
CA THR A 97 -4.22 7.60 33.92
C THR A 97 -2.90 7.21 33.28
N GLY A 98 -1.92 8.10 33.37
CA GLY A 98 -0.62 7.83 32.82
C GLY A 98 0.27 9.05 32.88
N CYS A 99 1.33 9.05 32.07
CA CYS A 99 2.27 10.14 32.02
C CYS A 99 2.53 10.53 30.58
N VAL A 100 2.65 11.83 30.33
CA VAL A 100 2.98 12.37 29.02
C VAL A 100 4.40 12.89 29.08
N ILE A 101 5.29 12.30 28.28
CA ILE A 101 6.70 12.64 28.26
C ILE A 101 7.06 13.13 26.87
N ALA A 102 7.84 14.21 26.80
CA ALA A 102 8.22 14.80 25.53
C ALA A 102 9.59 15.44 25.67
N TRP A 103 10.31 15.54 24.55
CA TRP A 103 11.60 16.20 24.54
C TRP A 103 11.87 16.76 23.16
N ASN A 104 12.73 17.78 23.11
CA ASN A 104 13.06 18.42 21.85
C ASN A 104 14.00 17.54 21.04
N SER A 105 13.67 17.31 19.78
CA SER A 105 14.44 16.43 18.90
C SER A 105 14.90 17.18 17.65
N ASN A 106 15.22 18.46 17.82
CA ASN A 106 15.63 19.28 16.67
C ASN A 106 16.90 18.73 16.03
N ASN A 107 17.83 18.22 16.84
CA ASN A 107 19.07 17.68 16.30
C ASN A 107 18.86 16.40 15.52
N LEU A 108 17.74 15.71 15.73
CA LEU A 108 17.44 14.45 15.05
C LEU A 108 16.45 14.59 13.90
N ASP A 109 15.41 15.40 14.08
CA ASP A 109 14.29 15.46 13.14
C ASP A 109 14.24 16.75 12.35
N SER A 110 15.26 17.60 12.43
CA SER A 110 15.39 18.78 11.58
C SER A 110 16.55 18.59 10.62
N LYS A 111 16.39 19.11 9.39
CA LYS A 111 17.42 19.07 8.37
C LYS A 111 17.55 20.46 7.76
N VAL A 112 18.73 20.73 7.20
CA VAL A 112 19.06 22.09 6.74
C VAL A 112 18.05 22.56 5.71
N GLY A 113 17.80 21.74 4.68
CA GLY A 113 16.78 22.10 3.71
C GLY A 113 15.37 22.05 4.25
N GLY A 114 15.14 21.30 5.33
CA GLY A 114 13.81 21.13 5.88
C GLY A 114 13.36 19.69 5.79
N ASN A 115 13.05 19.09 6.94
CA ASN A 115 12.52 17.73 6.98
C ASN A 115 11.00 17.81 6.93
N TYR A 116 10.40 17.24 5.88
CA TYR A 116 8.97 17.25 5.69
C TYR A 116 8.34 15.87 5.83
N ASN A 117 9.06 14.90 6.40
CA ASN A 117 8.58 13.53 6.44
C ASN A 117 7.55 13.28 7.55
N TYR A 118 7.46 14.14 8.55
CA TYR A 118 6.49 13.98 9.62
C TYR A 118 5.18 14.65 9.22
N LEU A 119 4.08 13.89 9.28
CA LEU A 119 2.79 14.33 8.81
C LEU A 119 1.81 14.47 9.96
N TYR A 120 0.78 15.29 9.73
CA TYR A 120 -0.34 15.44 10.65
C TYR A 120 -1.62 15.55 9.84
N ARG A 121 -2.71 15.09 10.44
CA ARG A 121 -4.03 15.23 9.83
C ARG A 121 -4.58 16.62 10.13
N LEU A 122 -4.99 17.33 9.08
CA LEU A 122 -5.47 18.70 9.22
C LEU A 122 -6.98 18.81 9.18
N PHE A 123 -7.67 17.91 8.49
CA PHE A 123 -9.11 17.93 8.38
C PHE A 123 -9.68 16.59 8.79
N ARG A 124 -10.87 16.63 9.41
CA ARG A 124 -11.60 15.42 9.75
C ARG A 124 -13.05 15.80 9.97
N LYS A 125 -13.96 14.95 9.49
CA LYS A 125 -15.39 15.27 9.58
C LYS A 125 -15.88 15.25 11.02
N SER A 126 -15.25 14.45 11.89
CA SER A 126 -15.61 14.41 13.30
C SER A 126 -14.35 14.23 14.12
N ASN A 127 -14.48 14.48 15.42
CA ASN A 127 -13.35 14.36 16.34
C ASN A 127 -13.10 12.90 16.68
N LEU A 128 -11.85 12.61 17.04
CA LEU A 128 -11.46 11.25 17.38
C LEU A 128 -11.98 10.87 18.76
N LYS A 129 -12.47 9.64 18.88
CA LYS A 129 -12.64 9.05 20.19
C LYS A 129 -11.27 8.87 20.83
N PRO A 130 -11.21 8.79 22.16
CA PRO A 130 -9.91 8.59 22.82
C PRO A 130 -9.21 7.34 22.29
N PHE A 131 -7.92 7.49 22.00
CA PHE A 131 -7.05 6.42 21.50
C PHE A 131 -7.48 5.90 20.12
N GLU A 132 -8.36 6.61 19.42
CA GLU A 132 -8.67 6.26 18.06
C GLU A 132 -7.50 6.61 17.14
N ARG A 133 -7.52 6.05 15.93
CA ARG A 133 -6.41 6.17 15.01
C ARG A 133 -6.96 6.19 13.60
N ASP A 134 -6.71 7.28 12.87
CA ASP A 134 -7.21 7.46 11.51
C ASP A 134 -6.01 7.61 10.58
N ILE A 135 -5.77 6.58 9.76
CA ILE A 135 -4.69 6.60 8.78
C ILE A 135 -5.23 6.68 7.35
N SER A 136 -6.51 7.02 7.18
CA SER A 136 -7.08 7.13 5.84
C SER A 136 -6.56 8.37 5.14
N THR A 137 -6.56 8.32 3.81
CA THR A 137 -6.14 9.43 2.96
C THR A 137 -7.26 9.84 2.01
N GLU A 138 -8.49 9.74 2.48
CA GLU A 138 -9.64 10.10 1.66
C GLU A 138 -9.74 11.62 1.49
N ILE A 139 -10.12 12.05 0.29
CA ILE A 139 -10.22 13.47 0.01
C ILE A 139 -11.31 14.08 0.88
N TYR A 140 -10.95 15.13 1.62
CA TYR A 140 -11.84 15.72 2.62
C TYR A 140 -12.76 16.73 1.96
N GLN A 141 -14.07 16.52 2.12
CA GLN A 141 -15.07 17.43 1.57
C GLN A 141 -15.16 18.65 2.48
N ALA A 142 -14.54 19.75 2.06
CA ALA A 142 -14.56 20.97 2.85
C ALA A 142 -15.86 21.74 2.67
N GLY A 143 -16.50 21.64 1.50
CA GLY A 143 -17.75 22.32 1.26
C GLY A 143 -18.93 21.37 1.20
N SER A 144 -19.96 21.75 0.46
CA SER A 144 -21.12 20.89 0.25
C SER A 144 -21.10 20.18 -1.10
N THR A 145 -20.17 20.53 -1.98
CA THR A 145 -20.03 19.82 -3.24
C THR A 145 -19.24 18.54 -3.04
N PRO A 146 -19.75 17.39 -3.48
CA PRO A 146 -18.99 16.13 -3.31
C PRO A 146 -17.68 16.16 -4.07
N CYS A 147 -16.73 15.34 -3.61
CA CYS A 147 -15.40 15.28 -4.20
C CYS A 147 -15.22 14.10 -5.14
N ASN A 148 -15.81 12.96 -4.82
CA ASN A 148 -15.72 11.75 -5.66
C ASN A 148 -14.26 11.34 -5.88
N GLY A 149 -13.47 11.42 -4.81
CA GLY A 149 -12.07 11.04 -4.89
C GLY A 149 -11.22 11.94 -5.75
N VAL A 150 -11.58 13.21 -5.91
CA VAL A 150 -10.86 14.16 -6.75
C VAL A 150 -10.53 15.39 -5.92
N GLU A 151 -9.28 15.86 -6.02
CA GLU A 151 -8.87 17.07 -5.33
C GLU A 151 -9.17 18.30 -6.18
N GLY A 152 -9.80 19.28 -5.58
CA GLY A 152 -10.11 20.54 -6.25
C GLY A 152 -10.43 21.59 -5.22
N PHE A 153 -11.24 22.56 -5.62
CA PHE A 153 -11.69 23.58 -4.68
C PHE A 153 -12.58 22.95 -3.62
N ASN A 154 -12.26 23.20 -2.35
CA ASN A 154 -12.97 22.64 -1.20
C ASN A 154 -12.95 21.12 -1.21
N CYS A 155 -11.92 20.54 -1.81
CA CYS A 155 -11.70 19.09 -1.83
C CYS A 155 -10.21 18.87 -1.60
N TYR A 156 -9.84 18.67 -0.34
CA TYR A 156 -8.47 18.76 0.10
C TYR A 156 -7.96 17.41 0.57
N PHE A 157 -6.69 17.13 0.28
CA PHE A 157 -6.02 15.99 0.87
C PHE A 157 -5.89 16.22 2.38
N PRO A 158 -6.27 15.26 3.21
CA PRO A 158 -6.39 15.54 4.65
C PRO A 158 -5.07 15.60 5.40
N LEU A 159 -3.99 15.04 4.85
CA LEU A 159 -2.71 15.04 5.55
C LEU A 159 -1.87 16.24 5.12
N GLN A 160 -0.87 16.54 5.94
CA GLN A 160 -0.07 17.75 5.77
C GLN A 160 1.31 17.52 6.37
N SER A 161 2.31 18.17 5.79
CA SER A 161 3.69 18.05 6.28
C SER A 161 4.00 19.15 7.28
N TYR A 162 4.93 18.84 8.20
CA TYR A 162 5.26 19.79 9.26
C TYR A 162 6.25 20.86 8.80
N GLY A 163 7.36 20.44 8.20
CA GLY A 163 8.39 21.40 7.82
C GLY A 163 9.29 21.75 8.97
N PHE A 164 10.21 20.84 9.30
CA PHE A 164 11.10 21.00 10.45
C PHE A 164 12.46 21.45 9.96
N GLN A 165 12.78 22.72 10.24
CA GLN A 165 14.10 23.26 9.94
C GLN A 165 14.80 23.66 11.23
N PRO A 166 16.12 23.52 11.30
CA PRO A 166 16.83 23.78 12.57
C PRO A 166 16.72 25.22 13.04
N THR A 167 16.46 26.17 12.14
CA THR A 167 16.36 27.58 12.50
C THR A 167 14.96 28.01 12.91
N ASN A 168 14.02 27.07 13.00
CA ASN A 168 12.65 27.42 13.34
C ASN A 168 12.54 27.90 14.79
N GLY A 169 11.45 28.62 15.06
CA GLY A 169 11.12 28.91 16.45
C GLY A 169 10.89 27.63 17.22
N VAL A 170 11.16 27.69 18.52
CA VAL A 170 11.06 26.48 19.36
C VAL A 170 9.66 25.91 19.30
N GLY A 171 8.65 26.76 19.13
CA GLY A 171 7.28 26.27 19.00
C GLY A 171 7.04 25.49 17.72
N TYR A 172 7.94 25.61 16.75
CA TYR A 172 7.82 24.90 15.48
C TYR A 172 8.96 23.91 15.27
N GLN A 173 9.68 23.56 16.33
CA GLN A 173 10.72 22.55 16.28
C GLN A 173 10.13 21.17 16.58
N PRO A 174 10.78 20.10 16.13
CA PRO A 174 10.23 18.76 16.36
C PRO A 174 10.40 18.32 17.81
N TYR A 175 9.34 17.78 18.38
CA TYR A 175 9.36 17.20 19.72
C TYR A 175 8.91 15.75 19.64
N ARG A 176 9.67 14.86 20.26
CA ARG A 176 9.32 13.44 20.34
C ARG A 176 8.53 13.21 21.62
N VAL A 177 7.34 12.64 21.49
CA VAL A 177 6.43 12.44 22.60
C VAL A 177 6.27 10.95 22.83
N VAL A 178 6.30 10.55 24.10
CA VAL A 178 5.95 9.20 24.54
C VAL A 178 4.85 9.32 25.59
N VAL A 179 3.71 8.71 25.31
CA VAL A 179 2.58 8.72 26.24
C VAL A 179 2.51 7.33 26.85
N LEU A 180 2.74 7.25 28.16
CA LEU A 180 2.54 6.03 28.92
C LEU A 180 1.11 5.99 29.45
N SER A 181 0.41 4.89 29.18
CA SER A 181 -0.99 4.74 29.56
C SER A 181 -1.11 3.57 30.52
N PHE A 182 -1.39 3.85 31.79
CA PHE A 182 -1.49 2.83 32.82
C PHE A 182 -2.92 2.29 32.86
N GLU A 183 -3.08 1.01 32.53
CA GLU A 183 -4.39 0.39 32.48
C GLU A 183 -4.71 -0.23 33.83
N LEU A 184 -5.79 0.25 34.46
CA LEU A 184 -6.21 -0.19 35.78
C LEU A 184 -7.44 -1.08 35.61
N LEU A 185 -7.26 -2.39 35.77
CA LEU A 185 -8.34 -3.35 35.65
C LEU A 185 -8.53 -4.10 36.95
N HIS A 186 -9.73 -4.69 37.10
CA HIS A 186 -10.08 -5.51 38.25
C HIS A 186 -9.56 -6.93 38.03
N ALA A 187 -8.22 -7.02 37.99
CA ALA A 187 -7.51 -8.23 37.61
C ALA A 187 -6.13 -8.17 38.23
N PRO A 188 -5.41 -9.29 38.29
CA PRO A 188 -4.02 -9.24 38.77
C PRO A 188 -3.16 -8.39 37.84
N ALA A 189 -2.28 -7.60 38.46
CA ALA A 189 -1.38 -6.75 37.69
C ALA A 189 -0.22 -7.55 37.14
N THR A 190 0.27 -7.15 35.96
CA THR A 190 1.37 -7.82 35.30
C THR A 190 2.60 -6.94 35.10
N VAL A 191 2.48 -5.63 35.32
CA VAL A 191 3.60 -4.69 35.24
C VAL A 191 3.74 -4.02 36.58
N CYS A 192 4.89 -4.18 37.23
CA CYS A 192 5.06 -3.68 38.58
C CYS A 192 6.26 -2.77 38.74
N GLY A 193 7.46 -3.30 38.51
CA GLY A 193 8.67 -2.54 38.74
C GLY A 193 9.42 -3.04 39.96
N PRO A 194 10.66 -2.57 40.14
CA PRO A 194 11.56 -3.01 41.21
C PRO A 194 10.97 -2.84 42.61
N ASN B 1 -16.97 -30.32 14.50
CA ASN B 1 -16.53 -30.67 15.85
C ASN B 1 -15.15 -31.27 15.82
N LEU B 2 -14.45 -31.07 14.72
CA LEU B 2 -13.09 -31.56 14.56
C LEU B 2 -12.25 -30.42 14.00
N CYS B 3 -11.07 -30.22 14.57
CA CYS B 3 -10.27 -29.03 14.25
C CYS B 3 -9.78 -29.07 12.81
N PRO B 4 -10.06 -28.06 12.00
CA PRO B 4 -9.65 -28.04 10.58
C PRO B 4 -8.18 -27.66 10.40
N PHE B 5 -7.29 -28.59 10.75
CA PHE B 5 -5.88 -28.41 10.49
C PHE B 5 -5.54 -28.40 9.00
N GLY B 6 -6.43 -28.93 8.16
CA GLY B 6 -6.19 -28.94 6.73
C GLY B 6 -6.11 -27.56 6.12
N GLU B 7 -6.83 -26.59 6.69
CA GLU B 7 -6.71 -25.21 6.24
C GLU B 7 -5.30 -24.68 6.43
N VAL B 8 -4.58 -25.22 7.43
CA VAL B 8 -3.23 -24.75 7.74
C VAL B 8 -2.18 -25.57 6.99
N PHE B 9 -2.27 -26.90 7.06
CA PHE B 9 -1.24 -27.76 6.47
C PHE B 9 -1.40 -27.85 4.97
N ASN B 10 -2.61 -28.15 4.49
CA ASN B 10 -2.88 -28.31 3.07
C ASN B 10 -3.16 -26.98 2.36
N ALA B 11 -2.63 -25.88 2.88
CA ALA B 11 -2.79 -24.59 2.23
C ALA B 11 -1.85 -24.47 1.03
N THR B 12 -2.30 -23.73 0.01
CA THR B 12 -1.53 -23.63 -1.22
C THR B 12 -0.44 -22.57 -1.13
N ARG B 13 -0.65 -21.51 -0.35
CA ARG B 13 0.32 -20.44 -0.19
C ARG B 13 0.81 -20.39 1.24
N PHE B 14 2.11 -20.19 1.42
CA PHE B 14 2.74 -20.07 2.73
C PHE B 14 3.44 -18.72 2.84
N ALA B 15 3.39 -18.13 4.02
CA ALA B 15 3.99 -16.83 4.24
C ALA B 15 5.51 -16.94 4.33
N SER B 16 6.17 -15.81 4.08
CA SER B 16 7.58 -15.69 4.42
C SER B 16 7.75 -15.76 5.93
N VAL B 17 8.92 -16.20 6.37
CA VAL B 17 9.12 -16.41 7.81
C VAL B 17 9.08 -15.08 8.55
N TYR B 18 9.59 -14.01 7.95
CA TYR B 18 9.59 -12.72 8.62
C TYR B 18 8.18 -12.17 8.80
N ALA B 19 7.29 -12.45 7.84
CA ALA B 19 5.89 -12.07 7.96
C ALA B 19 5.04 -13.31 8.20
N TRP B 20 5.46 -14.15 9.14
CA TRP B 20 4.82 -15.44 9.36
C TRP B 20 3.34 -15.28 9.64
N ASN B 21 2.54 -16.17 9.05
CA ASN B 21 1.10 -16.13 9.22
C ASN B 21 0.69 -16.84 10.50
N ARG B 22 -0.43 -16.40 11.07
CA ARG B 22 -0.99 -17.01 12.26
C ARG B 22 -2.49 -17.23 12.05
N LYS B 23 -2.96 -18.43 12.39
CA LYS B 23 -4.37 -18.77 12.36
C LYS B 23 -4.75 -19.36 13.71
N ARG B 24 -5.92 -18.95 14.22
CA ARG B 24 -6.38 -19.45 15.50
C ARG B 24 -7.24 -20.70 15.32
N ILE B 25 -7.20 -21.57 16.32
CA ILE B 25 -7.95 -22.82 16.34
C ILE B 25 -8.75 -22.86 17.62
N SER B 26 -10.07 -23.05 17.50
CA SER B 26 -10.93 -23.03 18.67
C SER B 26 -12.24 -23.72 18.35
N ASN B 27 -12.96 -24.11 19.41
CA ASN B 27 -14.28 -24.71 19.31
C ASN B 27 -14.27 -25.96 18.44
N CYS B 28 -13.37 -26.88 18.78
CA CYS B 28 -13.20 -28.11 18.01
C CYS B 28 -12.41 -29.11 18.85
N VAL B 29 -12.47 -30.37 18.42
CA VAL B 29 -11.72 -31.45 19.06
C VAL B 29 -10.49 -31.73 18.22
N ALA B 30 -9.31 -31.56 18.82
CA ALA B 30 -8.05 -31.72 18.11
C ALA B 30 -7.56 -33.14 18.32
N ASP B 31 -7.61 -33.96 17.26
CA ASP B 31 -7.07 -35.31 17.27
C ASP B 31 -5.68 -35.25 16.65
N TYR B 32 -4.66 -35.16 17.50
CA TYR B 32 -3.30 -35.01 16.98
C TYR B 32 -2.76 -36.31 16.39
N SER B 33 -3.27 -37.46 16.85
CA SER B 33 -2.86 -38.72 16.24
C SER B 33 -3.28 -38.79 14.78
N VAL B 34 -4.37 -38.12 14.42
CA VAL B 34 -4.76 -38.03 13.03
C VAL B 34 -3.86 -37.04 12.28
N LEU B 35 -3.40 -35.99 12.95
CA LEU B 35 -2.47 -35.06 12.29
C LEU B 35 -1.12 -35.72 12.05
N TYR B 36 -0.65 -36.52 13.01
CA TYR B 36 0.58 -37.28 12.86
C TYR B 36 0.47 -38.39 11.81
N ASN B 37 -0.72 -38.62 11.26
CA ASN B 37 -0.90 -39.70 10.29
C ASN B 37 -0.20 -39.39 8.97
N SER B 38 -0.06 -38.12 8.60
CA SER B 38 0.67 -37.79 7.38
C SER B 38 2.14 -38.16 7.52
N ALA B 39 2.53 -39.28 6.91
CA ALA B 39 3.90 -39.79 6.97
C ALA B 39 4.90 -38.91 6.22
N SER B 40 4.49 -37.74 5.71
CA SER B 40 5.40 -36.86 4.99
C SER B 40 6.22 -35.96 5.90
N PHE B 41 5.94 -35.97 7.21
CA PHE B 41 6.58 -35.05 8.14
C PHE B 41 8.02 -35.49 8.42
N SER B 42 8.98 -34.62 8.10
N SER B 42 8.98 -34.62 8.10
CA SER B 42 10.36 -34.85 8.48
CA SER B 42 10.37 -34.82 8.48
C SER B 42 10.68 -34.33 9.88
C SER B 42 10.67 -34.33 9.89
N THR B 43 9.78 -33.52 10.47
CA THR B 43 9.96 -33.01 11.81
C THR B 43 8.59 -32.91 12.47
N PHE B 44 8.42 -33.60 13.60
CA PHE B 44 7.20 -33.52 14.40
C PHE B 44 7.64 -33.59 15.86
N LYS B 45 8.01 -32.44 16.42
CA LYS B 45 8.55 -32.36 17.77
C LYS B 45 7.65 -31.50 18.64
N CYS B 46 7.21 -32.05 19.76
CA CYS B 46 6.41 -31.33 20.73
C CYS B 46 7.26 -30.98 21.94
N TYR B 47 6.95 -29.84 22.54
CA TYR B 47 7.70 -29.32 23.69
C TYR B 47 6.73 -28.98 24.81
N GLY B 48 7.16 -29.23 26.04
CA GLY B 48 6.35 -28.94 27.21
C GLY B 48 5.18 -29.86 27.43
N VAL B 49 4.92 -30.79 26.51
CA VAL B 49 3.79 -31.71 26.62
C VAL B 49 4.22 -33.08 26.10
N SER B 50 3.60 -34.13 26.64
CA SER B 50 3.82 -35.48 26.14
C SER B 50 2.97 -35.71 24.90
N PRO B 51 3.55 -36.18 23.79
CA PRO B 51 2.77 -36.32 22.55
C PRO B 51 1.59 -37.27 22.68
N THR B 52 1.69 -38.30 23.51
CA THR B 52 0.58 -39.24 23.66
C THR B 52 -0.55 -38.62 24.48
N LYS B 53 -0.23 -37.71 25.39
CA LYS B 53 -1.24 -37.04 26.20
C LYS B 53 -1.97 -35.94 25.44
N LEU B 54 -1.58 -35.68 24.19
CA LEU B 54 -2.19 -34.58 23.44
C LEU B 54 -3.68 -34.79 23.23
N ASN B 55 -4.09 -36.02 22.97
CA ASN B 55 -5.51 -36.32 22.80
C ASN B 55 -6.26 -36.38 24.12
N ASP B 56 -5.62 -35.98 25.22
CA ASP B 56 -6.25 -35.97 26.55
C ASP B 56 -6.04 -34.64 27.26
N LEU B 57 -5.82 -33.56 26.52
CA LEU B 57 -5.57 -32.25 27.10
C LEU B 57 -6.48 -31.20 26.47
N CYS B 58 -6.83 -30.20 27.27
CA CYS B 58 -7.60 -29.06 26.83
C CYS B 58 -6.77 -27.79 27.02
N PHE B 59 -7.01 -26.80 26.15
CA PHE B 59 -6.29 -25.54 26.22
C PHE B 59 -7.23 -24.39 25.95
N THR B 60 -6.82 -23.20 26.39
CA THR B 60 -7.63 -22.01 26.19
C THR B 60 -7.64 -21.60 24.71
N ASN B 61 -6.47 -21.44 24.11
CA ASN B 61 -6.37 -21.28 22.66
C ASN B 61 -5.20 -22.06 22.11
N VAL B 62 -5.31 -22.40 20.83
CA VAL B 62 -4.23 -23.00 20.06
C VAL B 62 -4.02 -22.12 18.83
N TYR B 63 -2.76 -21.77 18.56
CA TYR B 63 -2.42 -20.96 17.40
C TYR B 63 -1.58 -21.78 16.44
N ALA B 64 -1.88 -21.64 15.14
CA ALA B 64 -1.13 -22.31 14.09
C ALA B 64 -0.31 -21.25 13.35
N ASP B 65 1.00 -21.26 13.57
CA ASP B 65 1.92 -20.37 12.86
C ASP B 65 2.58 -21.15 11.73
N SER B 66 2.53 -20.59 10.52
CA SER B 66 3.05 -21.26 9.34
C SER B 66 3.95 -20.30 8.56
N PHE B 67 5.01 -20.86 7.97
CA PHE B 67 5.97 -20.08 7.19
C PHE B 67 6.90 -21.05 6.47
N VAL B 68 7.86 -20.49 5.73
CA VAL B 68 8.81 -21.27 4.96
C VAL B 68 10.22 -20.81 5.32
N ILE B 69 11.12 -21.77 5.50
CA ILE B 69 12.53 -21.52 5.80
C ILE B 69 13.37 -22.57 5.07
N ARG B 70 14.68 -22.44 5.19
CA ARG B 70 15.61 -23.40 4.61
C ARG B 70 15.54 -24.74 5.35
N GLY B 71 16.24 -25.73 4.80
CA GLY B 71 16.27 -27.03 5.44
C GLY B 71 17.00 -27.03 6.77
N ASP B 72 18.25 -26.57 6.76
CA ASP B 72 19.07 -26.56 7.97
C ASP B 72 18.71 -25.46 8.95
N GLU B 73 17.62 -24.71 8.70
CA GLU B 73 17.15 -23.72 9.63
C GLU B 73 15.96 -24.20 10.47
N VAL B 74 15.41 -25.38 10.16
CA VAL B 74 14.32 -25.91 10.97
C VAL B 74 14.79 -26.16 12.40
N ARG B 75 16.09 -26.41 12.58
CA ARG B 75 16.64 -26.63 13.91
C ARG B 75 16.50 -25.39 14.80
N GLN B 76 16.25 -24.22 14.21
CA GLN B 76 16.08 -22.99 14.97
C GLN B 76 14.66 -22.79 15.47
N ILE B 77 13.68 -23.49 14.91
CA ILE B 77 12.30 -23.39 15.37
C ILE B 77 12.12 -24.32 16.57
N ALA B 78 12.78 -23.98 17.67
CA ALA B 78 12.74 -24.75 18.90
C ALA B 78 13.08 -23.82 20.05
N PRO B 79 12.59 -24.10 21.26
CA PRO B 79 12.93 -23.25 22.40
C PRO B 79 14.43 -23.25 22.65
N GLY B 80 14.96 -22.08 22.99
CA GLY B 80 16.36 -21.94 23.32
C GLY B 80 17.31 -21.86 22.14
N GLN B 81 16.79 -21.63 20.94
CA GLN B 81 17.61 -21.62 19.74
C GLN B 81 18.04 -20.20 19.37
N THR B 82 19.19 -20.11 18.71
CA THR B 82 19.71 -18.84 18.21
C THR B 82 20.03 -18.99 16.73
N GLY B 83 20.18 -17.84 16.06
CA GLY B 83 20.43 -17.80 14.64
C GLY B 83 19.63 -16.71 13.96
N LYS B 84 19.77 -16.58 12.65
CA LYS B 84 19.04 -15.53 11.93
C LYS B 84 17.54 -15.68 12.10
N ILE B 85 17.03 -16.91 12.06
CA ILE B 85 15.60 -17.12 12.13
C ILE B 85 15.10 -16.92 13.55
N ALA B 86 15.76 -17.57 14.52
CA ALA B 86 15.31 -17.48 15.90
C ALA B 86 15.47 -16.07 16.47
N ASP B 87 16.51 -15.34 16.05
CA ASP B 87 16.73 -14.01 16.61
C ASP B 87 15.88 -12.96 15.92
N TYR B 88 15.72 -13.03 14.60
CA TYR B 88 15.16 -11.93 13.84
C TYR B 88 13.84 -12.23 13.13
N ASN B 89 13.40 -13.49 13.08
CA ASN B 89 12.23 -13.83 12.27
C ASN B 89 11.13 -14.51 13.05
N TYR B 90 11.40 -15.63 13.72
CA TYR B 90 10.39 -16.31 14.52
C TYR B 90 11.07 -16.89 15.75
N LYS B 91 10.51 -16.58 16.93
CA LYS B 91 11.16 -16.88 18.20
C LYS B 91 10.15 -17.55 19.13
N LEU B 92 10.46 -18.80 19.53
CA LEU B 92 9.68 -19.53 20.53
C LEU B 92 10.22 -19.26 21.93
N PRO B 93 9.36 -19.27 22.95
CA PRO B 93 9.81 -19.02 24.31
C PRO B 93 10.54 -20.22 24.90
N ASP B 94 11.25 -19.96 26.00
CA ASP B 94 11.90 -21.05 26.73
C ASP B 94 10.89 -22.07 27.20
N ASP B 95 9.82 -21.62 27.85
CA ASP B 95 8.77 -22.50 28.37
C ASP B 95 7.68 -22.73 27.33
N PHE B 96 8.09 -23.03 26.10
CA PHE B 96 7.14 -23.24 25.02
C PHE B 96 6.30 -24.48 25.27
N THR B 97 5.03 -24.41 24.87
CA THR B 97 4.10 -25.53 24.98
C THR B 97 3.42 -25.70 23.63
N GLY B 98 3.80 -26.73 22.89
CA GLY B 98 3.23 -26.97 21.59
C GLY B 98 4.14 -27.90 20.78
N CYS B 99 3.80 -28.03 19.50
CA CYS B 99 4.51 -28.91 18.59
C CYS B 99 5.02 -28.14 17.39
N VAL B 100 6.19 -28.52 16.91
CA VAL B 100 6.81 -27.95 15.71
C VAL B 100 6.78 -29.00 14.61
N ILE B 101 6.08 -28.71 13.53
CA ILE B 101 5.88 -29.64 12.43
C ILE B 101 6.46 -29.03 11.16
N ALA B 102 7.18 -29.84 10.38
CA ALA B 102 7.84 -29.35 9.19
C ALA B 102 8.00 -30.49 8.18
N TRP B 103 8.03 -30.13 6.90
CA TRP B 103 8.21 -31.10 5.83
C TRP B 103 8.86 -30.44 4.63
N ASN B 104 9.68 -31.21 3.92
CA ASN B 104 10.35 -30.70 2.73
C ASN B 104 9.34 -30.36 1.65
N SER B 105 9.43 -29.14 1.13
CA SER B 105 8.50 -28.64 0.12
C SER B 105 9.25 -28.22 -1.13
N ASN B 106 10.28 -28.99 -1.51
CA ASN B 106 11.09 -28.64 -2.67
C ASN B 106 10.28 -28.69 -3.96
N ASN B 107 9.27 -29.56 -4.04
CA ASN B 107 8.49 -29.70 -5.26
C ASN B 107 7.54 -28.53 -5.48
N LEU B 108 7.17 -27.82 -4.42
CA LEU B 108 6.22 -26.72 -4.52
C LEU B 108 6.87 -25.35 -4.59
N ASP B 109 7.89 -25.09 -3.77
CA ASP B 109 8.44 -23.76 -3.60
C ASP B 109 9.76 -23.55 -4.34
N SER B 110 10.12 -24.47 -5.24
CA SER B 110 11.31 -24.32 -6.05
C SER B 110 10.91 -24.22 -7.52
N LYS B 111 11.59 -23.32 -8.24
CA LYS B 111 11.47 -23.23 -9.68
C LYS B 111 12.84 -23.42 -10.30
N VAL B 112 12.87 -23.91 -11.54
CA VAL B 112 14.16 -24.22 -12.16
C VAL B 112 15.00 -22.96 -12.33
N GLY B 113 14.37 -21.82 -12.60
CA GLY B 113 15.10 -20.56 -12.63
C GLY B 113 15.44 -20.01 -11.27
N GLY B 114 14.82 -20.54 -10.21
CA GLY B 114 15.05 -20.05 -8.87
C GLY B 114 13.88 -19.24 -8.34
N ASN B 115 13.28 -19.70 -7.26
CA ASN B 115 12.21 -18.96 -6.59
C ASN B 115 12.84 -18.10 -5.49
N TYR B 116 12.76 -16.79 -5.66
CA TYR B 116 13.29 -15.84 -4.68
C TYR B 116 12.18 -15.10 -3.94
N ASN B 117 10.94 -15.58 -4.02
CA ASN B 117 9.80 -14.85 -3.46
C ASN B 117 9.68 -15.01 -1.95
N TYR B 118 10.25 -16.06 -1.36
CA TYR B 118 10.24 -16.20 0.08
C TYR B 118 11.36 -15.37 0.69
N LEU B 119 11.01 -14.56 1.70
CA LEU B 119 11.94 -13.61 2.29
C LEU B 119 12.25 -13.99 3.73
N TYR B 120 13.27 -13.31 4.26
CA TYR B 120 13.65 -13.39 5.67
C TYR B 120 14.36 -12.11 6.05
N ARG B 121 14.33 -11.79 7.33
CA ARG B 121 15.02 -10.61 7.85
C ARG B 121 16.45 -10.98 8.18
N LEU B 122 17.40 -10.15 7.73
CA LEU B 122 18.82 -10.42 7.92
C LEU B 122 19.44 -9.60 9.04
N PHE B 123 19.00 -8.35 9.24
CA PHE B 123 19.53 -7.50 10.30
C PHE B 123 18.38 -6.99 11.16
N ARG B 124 18.70 -6.73 12.43
CA ARG B 124 17.73 -6.14 13.34
C ARG B 124 18.48 -5.59 14.55
N LYS B 125 17.99 -4.46 15.08
CA LYS B 125 18.67 -3.82 16.21
C LYS B 125 18.64 -4.68 17.46
N SER B 126 17.58 -5.46 17.65
CA SER B 126 17.48 -6.35 18.80
C SER B 126 16.82 -7.66 18.38
N ASN B 127 16.92 -8.65 19.23
CA ASN B 127 16.29 -9.94 18.97
C ASN B 127 14.79 -9.85 19.21
N LEU B 128 14.06 -10.79 18.61
CA LEU B 128 12.62 -10.85 18.78
C LEU B 128 12.26 -11.47 20.13
N LYS B 129 11.25 -10.89 20.78
CA LYS B 129 10.61 -11.55 21.90
C LYS B 129 9.79 -12.72 21.37
N PRO B 130 9.43 -13.68 22.24
CA PRO B 130 8.62 -14.82 21.78
C PRO B 130 7.32 -14.38 21.11
N PHE B 131 7.09 -14.94 19.91
CA PHE B 131 5.91 -14.68 19.09
C PHE B 131 5.81 -13.23 18.61
N GLU B 132 6.90 -12.48 18.70
CA GLU B 132 6.94 -11.13 18.15
C GLU B 132 7.08 -11.20 16.64
N ARG B 133 6.40 -10.30 15.94
CA ARG B 133 6.42 -10.28 14.48
C ARG B 133 6.83 -8.89 14.01
N ASP B 134 7.87 -8.84 13.17
CA ASP B 134 8.41 -7.59 12.64
C ASP B 134 8.33 -7.65 11.12
N ILE B 135 7.45 -6.83 10.55
CA ILE B 135 7.34 -6.70 9.10
C ILE B 135 7.78 -5.31 8.64
N SER B 136 8.53 -4.60 9.46
CA SER B 136 9.03 -3.29 9.07
C SER B 136 10.11 -3.43 8.00
N THR B 137 10.44 -2.31 7.37
CA THR B 137 11.48 -2.24 6.35
C THR B 137 12.37 -1.04 6.59
N GLU B 138 12.66 -0.74 7.86
CA GLU B 138 13.57 0.35 8.18
C GLU B 138 14.98 0.02 7.68
N ILE B 139 15.62 1.03 7.08
CA ILE B 139 17.00 0.85 6.64
C ILE B 139 17.87 0.57 7.86
N TYR B 140 18.53 -0.58 7.86
CA TYR B 140 19.35 -0.97 9.00
C TYR B 140 20.65 -0.17 9.02
N GLN B 141 20.95 0.42 10.18
CA GLN B 141 22.15 1.23 10.35
C GLN B 141 23.27 0.31 10.79
N ALA B 142 24.10 -0.14 9.83
CA ALA B 142 25.18 -1.06 10.18
C ALA B 142 26.41 -0.32 10.68
N GLY B 143 26.62 0.91 10.22
CA GLY B 143 27.75 1.72 10.64
C GLY B 143 27.38 2.68 11.77
N SER B 144 28.04 3.83 11.78
CA SER B 144 27.81 4.83 12.81
C SER B 144 27.10 6.07 12.32
N THR B 145 27.05 6.29 11.01
CA THR B 145 26.33 7.42 10.44
C THR B 145 24.87 7.06 10.22
N PRO B 146 23.92 7.92 10.62
CA PRO B 146 22.51 7.59 10.40
C PRO B 146 22.20 7.45 8.91
N CYS B 147 21.15 6.67 8.63
CA CYS B 147 20.73 6.40 7.26
C CYS B 147 19.62 7.33 6.77
N ASN B 148 18.70 7.73 7.65
CA ASN B 148 17.57 8.59 7.29
C ASN B 148 16.75 7.98 6.15
N GLY B 149 16.63 6.64 6.16
CA GLY B 149 15.83 5.95 5.16
C GLY B 149 16.46 5.82 3.79
N VAL B 150 17.78 6.03 3.68
CA VAL B 150 18.48 5.99 2.41
C VAL B 150 19.47 4.84 2.44
N GLU B 151 19.35 3.92 1.49
CA GLU B 151 20.29 2.81 1.38
C GLU B 151 21.62 3.31 0.85
N GLY B 152 22.70 2.76 1.39
CA GLY B 152 24.05 3.15 0.99
C GLY B 152 25.08 2.31 1.71
N PHE B 153 26.28 2.84 1.90
CA PHE B 153 27.29 2.09 2.63
C PHE B 153 26.92 2.02 4.11
N ASN B 154 26.88 0.80 4.65
CA ASN B 154 26.46 0.54 6.03
C ASN B 154 25.04 1.03 6.29
N CYS B 155 24.19 0.95 5.27
CA CYS B 155 22.77 1.32 5.38
C CYS B 155 22.01 0.38 4.44
N TYR B 156 21.54 -0.73 5.00
CA TYR B 156 21.09 -1.87 4.22
C TYR B 156 19.59 -2.11 4.40
N PHE B 157 18.95 -2.52 3.31
CA PHE B 157 17.58 -3.02 3.39
C PHE B 157 17.57 -4.25 4.28
N PRO B 158 16.66 -4.35 5.26
CA PRO B 158 16.76 -5.43 6.24
C PRO B 158 16.35 -6.80 5.71
N LEU B 159 15.57 -6.86 4.64
CA LEU B 159 15.07 -8.14 4.15
C LEU B 159 15.98 -8.70 3.08
N GLN B 160 15.87 -10.02 2.88
CA GLN B 160 16.72 -10.74 1.94
C GLN B 160 15.92 -11.91 1.38
N SER B 161 16.18 -12.24 0.12
CA SER B 161 15.51 -13.36 -0.52
C SER B 161 16.28 -14.66 -0.28
N TYR B 162 15.54 -15.77 -0.23
CA TYR B 162 16.16 -17.06 -0.03
C TYR B 162 16.86 -17.55 -1.30
N GLY B 163 16.08 -18.05 -2.26
CA GLY B 163 16.67 -18.59 -3.47
C GLY B 163 16.56 -20.09 -3.54
N PHE B 164 15.36 -20.59 -3.82
CA PHE B 164 15.07 -22.03 -3.80
C PHE B 164 15.10 -22.58 -5.22
N GLN B 165 16.13 -23.36 -5.52
CA GLN B 165 16.22 -24.09 -6.77
C GLN B 165 16.13 -25.58 -6.51
N PRO B 166 15.45 -26.34 -7.37
CA PRO B 166 15.23 -27.77 -7.08
C PRO B 166 16.51 -28.58 -7.03
N THR B 167 17.62 -28.08 -7.57
CA THR B 167 18.89 -28.79 -7.55
C THR B 167 19.78 -28.37 -6.39
N ASN B 168 19.25 -27.65 -5.41
CA ASN B 168 20.02 -27.30 -4.23
C ASN B 168 20.22 -28.52 -3.34
N GLY B 169 21.17 -28.40 -2.42
CA GLY B 169 21.27 -29.36 -1.34
C GLY B 169 20.05 -29.33 -0.45
N VAL B 170 19.80 -30.44 0.24
CA VAL B 170 18.60 -30.58 1.05
C VAL B 170 18.53 -29.53 2.16
N GLY B 171 19.68 -28.98 2.57
CA GLY B 171 19.70 -27.93 3.56
C GLY B 171 19.41 -26.55 3.03
N TYR B 172 19.40 -26.37 1.72
CA TYR B 172 19.03 -25.11 1.09
C TYR B 172 17.70 -25.20 0.36
N GLN B 173 16.98 -26.29 0.52
CA GLN B 173 15.67 -26.53 -0.08
C GLN B 173 14.57 -25.97 0.81
N PRO B 174 13.43 -25.57 0.23
CA PRO B 174 12.38 -24.97 1.05
C PRO B 174 11.68 -26.01 1.91
N TYR B 175 11.43 -25.63 3.17
CA TYR B 175 10.65 -26.42 4.10
C TYR B 175 9.49 -25.58 4.61
N ARG B 176 8.33 -26.21 4.75
CA ARG B 176 7.15 -25.56 5.30
C ARG B 176 6.99 -25.99 6.76
N VAL B 177 6.75 -25.01 7.64
CA VAL B 177 6.73 -25.33 9.08
C VAL B 177 5.42 -24.91 9.73
N VAL B 178 4.80 -25.79 10.53
CA VAL B 178 3.62 -25.36 11.29
C VAL B 178 3.94 -25.51 12.76
N VAL B 179 3.67 -24.47 13.55
CA VAL B 179 3.86 -24.54 15.02
C VAL B 179 2.48 -24.46 15.68
N LEU B 180 2.13 -25.43 16.55
CA LEU B 180 0.81 -25.45 17.25
C LEU B 180 1.02 -25.06 18.71
N SER B 181 0.98 -23.77 19.05
CA SER B 181 1.25 -23.30 20.40
C SER B 181 0.00 -23.49 21.26
N PHE B 182 0.17 -24.09 22.42
CA PHE B 182 -0.93 -24.41 23.32
C PHE B 182 -0.93 -23.43 24.49
N GLU B 183 -2.03 -22.72 24.67
CA GLU B 183 -2.11 -21.60 25.61
C GLU B 183 -3.10 -21.92 26.71
N LEU B 184 -2.67 -21.74 27.96
CA LEU B 184 -3.50 -21.96 29.15
C LEU B 184 -3.66 -20.64 29.88
N LEU B 185 -4.87 -20.12 29.90
CA LEU B 185 -5.20 -18.90 30.63
C LEU B 185 -6.35 -19.18 31.58
N HIS B 186 -6.76 -18.15 32.33
CA HIS B 186 -7.93 -18.25 33.21
C HIS B 186 -9.19 -17.89 32.42
N ALA B 187 -9.46 -18.71 31.41
CA ALA B 187 -10.59 -18.55 30.51
C ALA B 187 -11.06 -19.94 30.11
N PRO B 188 -12.30 -20.08 29.65
CA PRO B 188 -12.80 -21.42 29.32
C PRO B 188 -12.04 -22.01 28.15
N ALA B 189 -11.80 -23.31 28.21
CA ALA B 189 -11.07 -24.00 27.15
C ALA B 189 -11.93 -24.10 25.89
N THR B 190 -11.27 -24.02 24.74
CA THR B 190 -11.94 -24.08 23.46
C THR B 190 -11.42 -25.20 22.55
N VAL B 191 -10.32 -25.86 22.93
CA VAL B 191 -9.77 -26.98 22.16
C VAL B 191 -9.49 -28.11 23.13
N CYS B 192 -9.93 -29.32 22.78
CA CYS B 192 -9.71 -30.48 23.63
C CYS B 192 -9.38 -31.70 22.77
N GLY B 193 -8.76 -32.69 23.40
CA GLY B 193 -8.52 -33.97 22.76
C GLY B 193 -9.72 -34.88 22.91
N PRO B 194 -9.85 -35.86 22.00
CA PRO B 194 -11.01 -36.77 21.96
C PRO B 194 -11.12 -37.64 23.21
N GLY C 1 4.28 -13.55 -10.32
CA GLY C 1 5.70 -13.41 -10.61
C GLY C 1 6.57 -14.40 -9.88
N PRO C 2 6.62 -15.65 -10.38
CA PRO C 2 7.48 -16.66 -9.75
C PRO C 2 8.95 -16.48 -10.11
N GLN C 3 9.20 -16.01 -11.33
CA GLN C 3 10.54 -15.78 -11.85
C GLN C 3 10.93 -14.32 -11.63
N VAL C 4 12.23 -14.09 -11.42
CA VAL C 4 12.74 -12.73 -11.31
C VAL C 4 12.71 -12.07 -12.68
N GLN C 5 12.20 -10.84 -12.74
CA GLN C 5 12.10 -10.09 -13.98
C GLN C 5 12.45 -8.63 -13.73
N LEU C 6 13.13 -8.02 -14.68
CA LEU C 6 13.53 -6.62 -14.61
C LEU C 6 12.85 -5.83 -15.71
N VAL C 7 12.45 -4.60 -15.40
CA VAL C 7 11.82 -3.69 -16.34
C VAL C 7 12.47 -2.32 -16.18
N GLU C 8 12.95 -1.76 -17.29
CA GLU C 8 13.58 -0.44 -17.29
C GLU C 8 12.58 0.64 -17.72
N SER C 9 12.87 1.88 -17.30
CA SER C 9 12.02 3.02 -17.62
C SER C 9 12.89 4.27 -17.65
N GLY C 10 12.29 5.36 -18.12
CA GLY C 10 12.93 6.66 -18.12
C GLY C 10 13.56 7.07 -19.43
N GLY C 11 13.68 6.15 -20.40
CA GLY C 11 14.28 6.50 -21.67
C GLY C 11 13.48 7.57 -22.39
N ASN C 12 14.21 8.43 -23.10
CA ASN C 12 13.61 9.60 -23.74
C ASN C 12 14.61 10.17 -24.72
N LEU C 13 14.11 11.03 -25.62
CA LEU C 13 14.96 11.83 -26.49
C LEU C 13 15.30 13.12 -25.78
N VAL C 14 16.59 13.37 -25.55
CA VAL C 14 17.05 14.52 -24.78
C VAL C 14 18.11 15.27 -25.57
N GLN C 15 18.45 16.45 -25.06
CA GLN C 15 19.43 17.35 -25.67
C GLN C 15 20.78 17.20 -24.99
N PRO C 16 21.86 17.57 -25.68
CA PRO C 16 23.18 17.57 -25.03
C PRO C 16 23.19 18.47 -23.80
N GLY C 17 23.79 17.97 -22.72
CA GLY C 17 23.78 18.66 -21.45
C GLY C 17 22.60 18.31 -20.56
N GLY C 18 21.59 17.65 -21.09
CA GLY C 18 20.43 17.27 -20.30
C GLY C 18 20.74 16.15 -19.32
N SER C 19 19.70 15.73 -18.61
CA SER C 19 19.84 14.71 -17.59
C SER C 19 18.63 13.78 -17.60
N LEU C 20 18.88 12.51 -17.30
CA LEU C 20 17.83 11.50 -17.20
C LEU C 20 18.07 10.65 -15.97
N ARG C 21 16.99 10.10 -15.43
CA ARG C 21 17.05 9.08 -14.40
C ARG C 21 16.35 7.84 -14.92
N LEU C 22 17.08 6.73 -14.98
CA LEU C 22 16.51 5.47 -15.42
C LEU C 22 16.20 4.61 -14.20
N SER C 23 15.11 3.87 -14.28
CA SER C 23 14.67 2.99 -13.21
C SER C 23 14.84 1.54 -13.64
N CYS C 24 15.09 0.67 -12.66
CA CYS C 24 15.11 -0.77 -12.88
C CYS C 24 14.23 -1.40 -11.81
N ALA C 25 12.95 -1.54 -12.10
CA ALA C 25 12.03 -2.19 -11.19
C ALA C 25 12.13 -3.70 -11.35
N ALA C 26 12.39 -4.39 -10.24
CA ALA C 26 12.49 -5.84 -10.23
C ALA C 26 11.23 -6.45 -9.62
N SER C 27 11.03 -7.74 -9.92
CA SER C 27 9.84 -8.45 -9.49
C SER C 27 10.23 -9.90 -9.18
N GLY C 28 9.46 -10.53 -8.30
CA GLY C 28 9.72 -11.90 -7.92
C GLY C 28 10.74 -12.09 -6.82
N GLY C 29 11.13 -11.02 -6.13
CA GLY C 29 12.09 -11.13 -5.05
C GLY C 29 12.54 -9.76 -4.62
N THR C 30 13.40 -9.75 -3.59
CA THR C 30 13.99 -8.51 -3.12
C THR C 30 15.24 -8.21 -3.94
N LEU C 31 15.21 -7.07 -4.65
CA LEU C 31 16.38 -6.64 -5.40
C LEU C 31 17.57 -6.38 -4.49
N ALA C 32 17.33 -6.19 -3.18
CA ALA C 32 18.41 -6.01 -2.22
C ALA C 32 19.23 -7.29 -2.02
N SER C 33 18.77 -8.42 -2.53
CA SER C 33 19.55 -9.66 -2.54
C SER C 33 20.41 -9.81 -3.78
N PHE C 34 20.37 -8.82 -4.68
CA PHE C 34 20.97 -8.98 -6.00
C PHE C 34 21.96 -7.86 -6.28
N ALA C 35 23.10 -8.23 -6.86
CA ALA C 35 23.93 -7.26 -7.54
C ALA C 35 23.19 -6.74 -8.78
N VAL C 36 23.24 -5.43 -8.98
CA VAL C 36 22.59 -4.80 -10.11
C VAL C 36 23.63 -4.04 -10.92
N GLY C 37 23.64 -4.26 -12.22
CA GLY C 37 24.53 -3.53 -13.10
C GLY C 37 23.77 -2.96 -14.28
N TRP C 38 24.21 -1.78 -14.72
CA TRP C 38 23.64 -1.14 -15.89
C TRP C 38 24.58 -1.31 -17.07
N PHE C 39 24.00 -1.48 -18.26
CA PHE C 39 24.75 -1.65 -19.49
C PHE C 39 24.15 -0.73 -20.55
N ARG C 40 24.96 -0.42 -21.57
CA ARG C 40 24.47 0.33 -22.70
C ARG C 40 25.05 -0.24 -23.99
N GLN C 41 24.23 -0.31 -25.03
CA GLN C 41 24.65 -0.76 -26.35
C GLN C 41 24.32 0.33 -27.36
N ALA C 42 25.35 1.05 -27.81
CA ALA C 42 25.18 2.03 -28.86
C ALA C 42 25.19 1.35 -30.22
N PRO C 43 24.61 1.98 -31.24
CA PRO C 43 24.55 1.34 -32.55
C PRO C 43 25.95 1.16 -33.14
N GLY C 44 26.26 -0.07 -33.53
CA GLY C 44 27.53 -0.41 -34.12
C GLY C 44 28.63 -0.73 -33.14
N LYS C 45 28.47 -0.38 -31.87
CA LYS C 45 29.47 -0.67 -30.85
C LYS C 45 29.05 -1.88 -30.02
N GLU C 46 29.98 -2.36 -29.20
CA GLU C 46 29.73 -3.51 -28.36
C GLU C 46 28.99 -3.08 -27.09
N ARG C 47 28.41 -4.07 -26.41
CA ARG C 47 27.73 -3.78 -25.16
C ARG C 47 28.76 -3.41 -24.09
N GLU C 48 28.46 -2.35 -23.35
CA GLU C 48 29.42 -1.72 -22.45
C GLU C 48 28.78 -1.55 -21.07
N GLY C 49 29.40 -2.13 -20.05
CA GLY C 49 28.97 -1.86 -18.69
C GLY C 49 29.31 -0.43 -18.30
N VAL C 50 28.38 0.20 -17.57
CA VAL C 50 28.52 1.60 -17.18
C VAL C 50 28.50 1.77 -15.67
N SER C 51 27.69 0.99 -14.96
CA SER C 51 27.59 1.16 -13.51
C SER C 51 26.99 -0.10 -12.89
N CYS C 52 27.46 -0.42 -11.69
CA CYS C 52 26.95 -1.55 -10.94
C CYS C 52 26.95 -1.23 -9.46
N ILE C 53 26.35 -2.11 -8.66
CA ILE C 53 26.28 -1.89 -7.22
C ILE C 53 26.16 -3.21 -6.45
N ASP C 54 26.96 -3.35 -5.39
CA ASP C 54 26.95 -4.53 -4.53
C ASP C 54 25.63 -4.62 -3.74
N VAL C 55 25.47 -5.74 -3.03
CA VAL C 55 24.36 -5.89 -2.09
C VAL C 55 24.61 -5.12 -0.80
N ILE C 56 25.87 -4.74 -0.55
CA ILE C 56 26.19 -3.80 0.51
C ILE C 56 26.30 -2.37 -0.01
N ASN C 57 25.81 -2.11 -1.22
CA ASN C 57 25.59 -0.76 -1.77
C ASN C 57 26.89 -0.01 -2.08
N ARG C 58 27.95 -0.74 -2.41
CA ARG C 58 29.15 -0.13 -2.96
C ARG C 58 29.00 0.01 -4.47
N ALA C 59 29.32 1.19 -5.00
CA ALA C 59 29.09 1.51 -6.39
C ALA C 59 30.40 1.52 -7.16
N ASN C 60 30.29 1.28 -8.47
CA ASN C 60 31.43 1.41 -9.36
C ASN C 60 30.93 1.80 -10.74
N TYR C 61 31.76 2.56 -11.45
CA TYR C 61 31.40 3.13 -12.73
C TYR C 61 32.51 2.88 -13.73
N ALA C 62 32.12 2.81 -15.00
CA ALA C 62 33.10 2.82 -16.08
C ALA C 62 33.79 4.18 -16.12
N ASP C 63 35.04 4.19 -16.58
CA ASP C 63 35.78 5.43 -16.66
C ASP C 63 35.14 6.44 -17.61
N SER C 64 34.33 5.96 -18.55
CA SER C 64 33.67 6.82 -19.52
C SER C 64 32.47 7.57 -18.95
N VAL C 65 32.03 7.23 -17.74
CA VAL C 65 30.84 7.84 -17.15
C VAL C 65 31.10 8.25 -15.72
N LYS C 66 32.34 8.12 -15.26
CA LYS C 66 32.67 8.47 -13.88
C LYS C 66 32.45 9.96 -13.64
N GLY C 67 31.84 10.29 -12.50
CA GLY C 67 31.52 11.65 -12.17
C GLY C 67 30.27 12.19 -12.82
N ARG C 68 29.77 11.54 -13.87
CA ARG C 68 28.57 11.97 -14.56
C ARG C 68 27.34 11.13 -14.25
N PHE C 69 27.53 9.84 -13.97
CA PHE C 69 26.42 8.95 -13.64
C PHE C 69 26.47 8.59 -12.16
N THR C 70 25.29 8.32 -11.59
CA THR C 70 25.19 7.90 -10.21
C THR C 70 24.18 6.76 -10.14
N ILE C 71 24.62 5.61 -9.63
CA ILE C 71 23.75 4.47 -9.39
C ILE C 71 23.35 4.49 -7.92
N SER C 72 22.12 4.10 -7.64
CA SER C 72 21.60 4.12 -6.28
C SER C 72 20.53 3.06 -6.15
N ARG C 73 20.16 2.76 -4.92
CA ARG C 73 19.26 1.68 -4.60
C ARG C 73 18.06 2.19 -3.82
N ASP C 74 16.85 1.72 -4.20
CA ASP C 74 15.62 2.00 -3.47
C ASP C 74 14.85 0.68 -3.38
N SER C 75 15.32 -0.21 -2.52
CA SER C 75 14.72 -1.54 -2.38
C SER C 75 13.30 -1.50 -1.84
N ALA C 76 12.85 -0.37 -1.30
CA ALA C 76 11.45 -0.26 -0.90
C ALA C 76 10.53 -0.34 -2.10
N LYS C 77 10.98 0.14 -3.26
CA LYS C 77 10.23 0.03 -4.50
C LYS C 77 10.77 -1.08 -5.40
N ASN C 78 11.63 -1.94 -4.87
CA ASN C 78 12.28 -2.99 -5.65
C ASN C 78 12.94 -2.42 -6.89
N THR C 79 13.69 -1.33 -6.69
CA THR C 79 14.17 -0.52 -7.81
C THR C 79 15.61 -0.08 -7.56
N VAL C 80 16.41 -0.09 -8.62
CA VAL C 80 17.74 0.52 -8.63
C VAL C 80 17.74 1.61 -9.69
N TYR C 81 18.11 2.82 -9.30
CA TYR C 81 18.10 3.98 -10.18
C TYR C 81 19.47 4.21 -10.80
N LEU C 82 19.47 4.95 -11.91
CA LEU C 82 20.71 5.39 -12.55
C LEU C 82 20.52 6.84 -12.98
N GLN C 83 21.13 7.77 -12.25
CA GLN C 83 21.05 9.18 -12.59
C GLN C 83 22.14 9.52 -13.58
N MET C 84 21.76 10.05 -14.73
CA MET C 84 22.69 10.37 -15.81
C MET C 84 22.72 11.89 -16.01
N ASN C 85 23.88 12.49 -15.80
CA ASN C 85 24.05 13.93 -15.92
C ASN C 85 25.01 14.27 -17.05
N SER C 86 24.87 15.48 -17.57
CA SER C 86 25.76 16.01 -18.61
C SER C 86 25.83 15.05 -19.79
N LEU C 87 24.65 14.73 -20.34
CA LEU C 87 24.57 13.76 -21.43
C LEU C 87 25.14 14.35 -22.71
N GLU C 88 25.96 13.58 -23.39
CA GLU C 88 26.52 13.92 -24.69
C GLU C 88 26.02 12.92 -25.72
N PRO C 89 26.11 13.23 -27.02
CA PRO C 89 25.65 12.28 -28.04
C PRO C 89 26.30 10.91 -27.96
N GLU C 90 27.53 10.81 -27.44
CA GLU C 90 28.18 9.51 -27.31
C GLU C 90 27.46 8.62 -26.30
N ASP C 91 26.58 9.19 -25.47
CA ASP C 91 25.77 8.41 -24.54
C ASP C 91 24.57 7.76 -25.21
N THR C 92 24.26 8.10 -26.47
CA THR C 92 23.11 7.52 -27.16
C THR C 92 23.24 6.02 -27.25
N ALA C 93 22.37 5.29 -26.57
CA ALA C 93 22.44 3.83 -26.54
C ALA C 93 21.14 3.29 -25.95
N VAL C 94 21.01 1.97 -26.00
CA VAL C 94 19.94 1.27 -25.29
C VAL C 94 20.51 0.88 -23.93
N TYR C 95 19.97 1.49 -22.87
CA TYR C 95 20.43 1.21 -21.52
C TYR C 95 19.58 0.09 -20.92
N SER C 96 20.23 -1.01 -20.58
CA SER C 96 19.56 -2.20 -20.07
C SER C 96 20.03 -2.51 -18.65
N CYS C 97 19.14 -3.12 -17.88
CA CYS C 97 19.40 -3.48 -16.49
C CYS C 97 19.78 -4.95 -16.40
N ALA C 98 20.54 -5.30 -15.36
CA ALA C 98 21.01 -6.67 -15.19
C ALA C 98 21.21 -6.96 -13.72
N ALA C 99 20.87 -8.19 -13.32
CA ALA C 99 20.92 -8.58 -11.91
C ALA C 99 21.43 -10.01 -11.78
N HIS C 100 22.03 -10.30 -10.61
CA HIS C 100 22.40 -11.66 -10.27
C HIS C 100 22.46 -11.78 -8.75
N PHE C 101 22.05 -12.95 -8.25
CA PHE C 101 21.84 -13.14 -6.82
C PHE C 101 23.15 -13.22 -6.06
N VAL C 102 23.11 -12.83 -4.80
CA VAL C 102 24.28 -12.87 -3.92
C VAL C 102 23.89 -13.59 -2.63
N PRO C 103 24.43 -14.78 -2.37
CA PRO C 103 24.13 -15.46 -1.12
C PRO C 103 24.74 -14.71 0.06
N PRO C 104 24.14 -14.82 1.25
CA PRO C 104 24.58 -13.97 2.38
C PRO C 104 26.03 -14.21 2.79
N GLY C 105 26.50 -15.46 2.73
CA GLY C 105 27.89 -15.72 3.05
C GLY C 105 28.84 -15.14 2.03
N SER C 106 28.59 -15.44 0.75
CA SER C 106 29.39 -14.91 -0.35
C SER C 106 28.98 -13.46 -0.66
N ARG C 107 29.05 -12.61 0.37
CA ARG C 107 28.62 -11.22 0.27
C ARG C 107 29.65 -10.34 -0.44
N LEU C 108 30.26 -10.86 -1.51
CA LEU C 108 31.15 -10.06 -2.35
C LEU C 108 30.76 -10.08 -3.82
N ARG C 109 29.85 -10.97 -4.24
CA ARG C 109 29.34 -10.93 -5.61
C ARG C 109 28.63 -9.61 -5.84
N GLY C 110 29.08 -8.88 -6.84
CA GLY C 110 28.50 -7.59 -7.13
C GLY C 110 29.38 -6.53 -7.76
N CYS C 111 30.65 -6.50 -7.37
CA CYS C 111 31.59 -5.56 -7.96
C CYS C 111 31.69 -5.80 -9.46
N LEU C 112 32.03 -4.74 -10.17
CA LEU C 112 32.01 -4.82 -11.62
C LEU C 112 32.98 -5.85 -12.16
N VAL C 113 33.89 -6.36 -11.32
CA VAL C 113 34.68 -7.53 -11.70
C VAL C 113 33.76 -8.73 -11.86
N ASN C 114 32.63 -8.74 -11.16
CA ASN C 114 31.60 -9.77 -11.33
C ASN C 114 30.60 -9.27 -12.37
N GLU C 115 31.02 -9.32 -13.62
CA GLU C 115 30.24 -8.78 -14.74
C GLU C 115 29.55 -9.88 -15.54
N LEU C 116 29.09 -10.93 -14.87
CA LEU C 116 28.34 -12.02 -15.49
C LEU C 116 27.01 -12.13 -14.74
N TYR C 117 26.00 -11.42 -15.24
CA TYR C 117 24.69 -11.35 -14.61
C TYR C 117 23.74 -12.37 -15.21
N ASN C 118 22.78 -12.82 -14.41
CA ASN C 118 21.87 -13.90 -14.79
C ASN C 118 20.54 -13.40 -15.33
N TYR C 119 20.03 -12.27 -14.86
CA TYR C 119 18.74 -11.75 -15.29
C TYR C 119 18.93 -10.41 -15.99
N TRP C 120 18.09 -10.18 -17.00
CA TRP C 120 18.23 -9.01 -17.87
C TRP C 120 16.87 -8.42 -18.18
N GLY C 121 16.81 -7.10 -18.25
CA GLY C 121 15.65 -6.42 -18.75
C GLY C 121 15.72 -6.22 -20.27
N GLN C 122 14.63 -5.72 -20.83
CA GLN C 122 14.55 -5.50 -22.27
C GLN C 122 15.29 -4.23 -22.72
N GLY C 123 15.63 -3.34 -21.80
CA GLY C 123 16.37 -2.15 -22.18
C GLY C 123 15.47 -0.97 -22.49
N THR C 124 15.99 0.21 -22.19
CA THR C 124 15.31 1.47 -22.50
C THR C 124 16.28 2.35 -23.27
N GLN C 125 15.76 3.06 -24.26
CA GLN C 125 16.58 3.79 -25.22
C GLN C 125 16.73 5.25 -24.79
N VAL C 126 17.97 5.74 -24.78
CA VAL C 126 18.28 7.13 -24.50
C VAL C 126 18.95 7.72 -25.71
N THR C 127 18.32 8.72 -26.33
CA THR C 127 18.85 9.39 -27.51
C THR C 127 19.20 10.82 -27.16
N VAL C 128 20.48 11.17 -27.28
CA VAL C 128 20.97 12.51 -26.98
C VAL C 128 21.24 13.21 -28.30
N SER C 129 20.45 14.23 -28.60
CA SER C 129 20.56 14.95 -29.86
C SER C 129 20.08 16.38 -29.66
N SER C 130 20.63 17.29 -30.47
CA SER C 130 20.26 18.70 -30.38
C SER C 130 18.85 18.94 -30.91
N GLY D 1 -11.53 9.09 -10.17
CA GLY D 1 -12.62 10.05 -10.28
C GLY D 1 -13.97 9.39 -10.46
N PRO D 2 -15.00 10.21 -10.71
CA PRO D 2 -16.36 9.65 -10.87
C PRO D 2 -16.55 8.88 -12.17
N GLN D 3 -15.75 9.15 -13.19
CA GLN D 3 -15.86 8.46 -14.47
C GLN D 3 -14.59 7.67 -14.74
N VAL D 4 -14.71 6.65 -15.58
CA VAL D 4 -13.58 5.81 -15.95
C VAL D 4 -12.69 6.57 -16.93
N GLN D 5 -11.40 6.65 -16.61
CA GLN D 5 -10.43 7.26 -17.51
C GLN D 5 -9.23 6.33 -17.68
N LEU D 6 -8.58 6.45 -18.84
CA LEU D 6 -7.43 5.65 -19.19
C LEU D 6 -6.28 6.57 -19.59
N VAL D 7 -5.06 6.20 -19.21
CA VAL D 7 -3.86 6.94 -19.59
C VAL D 7 -2.81 5.94 -20.04
N GLU D 8 -2.21 6.20 -21.20
CA GLU D 8 -1.13 5.36 -21.72
C GLU D 8 0.22 5.94 -21.33
N SER D 9 1.19 5.06 -21.16
CA SER D 9 2.57 5.47 -20.92
C SER D 9 3.51 4.43 -21.51
N GLY D 10 4.77 4.81 -21.66
CA GLY D 10 5.80 3.91 -22.14
C GLY D 10 6.33 4.22 -23.52
N GLY D 11 5.68 5.11 -24.26
CA GLY D 11 6.17 5.45 -25.58
C GLY D 11 7.53 6.11 -25.52
N ASN D 12 8.29 5.98 -26.61
CA ASN D 12 9.66 6.45 -26.67
C ASN D 12 10.14 6.32 -28.11
N LEU D 13 11.22 7.03 -28.42
CA LEU D 13 11.93 6.86 -29.69
C LEU D 13 12.87 5.67 -29.55
N VAL D 14 12.66 4.64 -30.37
CA VAL D 14 13.45 3.42 -30.31
C VAL D 14 14.03 3.13 -31.69
N GLN D 15 14.91 2.09 -31.74
CA GLN D 15 15.61 1.65 -32.94
C GLN D 15 14.95 0.41 -33.53
N PRO D 16 15.10 0.18 -34.83
CA PRO D 16 14.58 -1.05 -35.43
C PRO D 16 15.14 -2.28 -34.75
N GLY D 17 14.23 -3.20 -34.40
CA GLY D 17 14.59 -4.35 -33.60
C GLY D 17 14.49 -4.14 -32.10
N GLY D 18 14.11 -2.94 -31.66
CA GLY D 18 14.03 -2.64 -30.26
C GLY D 18 12.78 -3.20 -29.61
N SER D 19 12.70 -3.00 -28.29
CA SER D 19 11.57 -3.45 -27.49
C SER D 19 10.91 -2.26 -26.81
N LEU D 20 9.68 -2.49 -26.36
CA LEU D 20 8.91 -1.48 -25.65
C LEU D 20 7.74 -2.17 -24.96
N ARG D 21 7.45 -1.74 -23.74
CA ARG D 21 6.27 -2.20 -23.01
C ARG D 21 5.40 -1.00 -22.67
N LEU D 22 4.28 -0.88 -23.35
CA LEU D 22 3.34 0.19 -23.04
C LEU D 22 2.50 -0.19 -21.83
N SER D 23 1.92 0.83 -21.20
CA SER D 23 1.05 0.64 -20.06
C SER D 23 -0.27 1.36 -20.31
N CYS D 24 -1.35 0.79 -19.79
CA CYS D 24 -2.67 1.41 -19.84
C CYS D 24 -3.25 1.36 -18.43
N ALA D 25 -3.10 2.46 -17.69
CA ALA D 25 -3.61 2.55 -16.33
C ALA D 25 -5.03 3.08 -16.35
N ALA D 26 -5.86 2.57 -15.43
CA ALA D 26 -7.27 2.91 -15.38
C ALA D 26 -7.61 3.55 -14.05
N SER D 27 -8.63 4.41 -14.08
CA SER D 27 -9.18 5.04 -12.89
C SER D 27 -10.70 4.98 -12.95
N GLY D 28 -11.33 5.14 -11.79
CA GLY D 28 -12.78 5.10 -11.70
C GLY D 28 -13.39 3.72 -11.60
N GLY D 29 -12.59 2.70 -11.42
CA GLY D 29 -13.09 1.34 -11.34
C GLY D 29 -11.96 0.35 -11.54
N THR D 30 -12.30 -0.92 -11.39
CA THR D 30 -11.33 -1.99 -11.59
C THR D 30 -11.29 -2.38 -13.07
N LEU D 31 -10.08 -2.44 -13.63
CA LEU D 31 -9.92 -2.82 -15.02
C LEU D 31 -10.18 -4.29 -15.26
N ALA D 32 -10.28 -5.10 -14.20
CA ALA D 32 -10.60 -6.51 -14.35
C ALA D 32 -12.00 -6.73 -14.92
N SER D 33 -12.87 -5.74 -14.85
CA SER D 33 -14.23 -5.84 -15.37
C SER D 33 -14.35 -5.34 -16.80
N PHE D 34 -13.25 -4.94 -17.43
CA PHE D 34 -13.28 -4.28 -18.72
C PHE D 34 -12.45 -5.05 -19.73
N ALA D 35 -13.01 -5.29 -20.91
CA ALA D 35 -12.23 -5.75 -22.04
C ALA D 35 -11.38 -4.59 -22.55
N VAL D 36 -10.08 -4.83 -22.72
CA VAL D 36 -9.13 -3.79 -23.08
C VAL D 36 -8.50 -4.14 -24.41
N GLY D 37 -8.41 -3.17 -25.30
CA GLY D 37 -7.74 -3.34 -26.57
C GLY D 37 -6.78 -2.21 -26.84
N TRP D 38 -5.73 -2.54 -27.61
CA TRP D 38 -4.74 -1.55 -28.03
C TRP D 38 -4.92 -1.22 -29.51
N PHE D 39 -4.77 0.05 -29.84
CA PHE D 39 -4.94 0.54 -31.19
C PHE D 39 -3.77 1.45 -31.55
N ARG D 40 -3.39 1.43 -32.83
CA ARG D 40 -2.35 2.31 -33.33
C ARG D 40 -2.89 3.14 -34.49
N GLN D 41 -2.34 4.33 -34.68
CA GLN D 41 -2.82 5.21 -35.78
C GLN D 41 -1.65 5.96 -36.43
N ALA D 42 -1.15 5.43 -37.55
CA ALA D 42 -0.06 6.08 -38.30
C ALA D 42 -0.60 7.39 -38.90
N PRO D 43 0.17 8.50 -38.93
CA PRO D 43 -0.35 9.76 -39.48
C PRO D 43 -0.72 9.58 -40.96
N GLY D 44 -1.88 10.11 -41.36
CA GLY D 44 -2.37 10.01 -42.74
C GLY D 44 -3.09 8.70 -43.02
N LYS D 45 -3.28 7.87 -42.00
CA LYS D 45 -3.99 6.56 -42.17
C LYS D 45 -5.00 6.34 -41.03
N GLU D 46 -6.02 5.53 -41.30
CA GLU D 46 -7.09 5.20 -40.32
C GLU D 46 -6.51 4.33 -39.20
N ARG D 47 -6.97 4.52 -37.96
CA ARG D 47 -6.49 3.73 -36.80
C ARG D 47 -6.86 2.26 -37.02
N GLU D 48 -5.94 1.35 -36.68
CA GLU D 48 -6.18 -0.11 -36.86
C GLU D 48 -5.88 -0.86 -35.55
N GLY D 49 -6.73 -1.84 -35.21
CA GLY D 49 -6.57 -2.63 -34.01
C GLY D 49 -5.26 -3.39 -34.01
N VAL D 50 -4.70 -3.56 -32.80
CA VAL D 50 -3.43 -4.23 -32.60
C VAL D 50 -3.59 -5.49 -31.77
N SER D 51 -4.23 -5.38 -30.61
CA SER D 51 -4.39 -6.50 -29.70
C SER D 51 -5.47 -6.15 -28.68
N CYS D 52 -6.00 -7.18 -28.03
CA CYS D 52 -7.09 -7.00 -27.08
C CYS D 52 -7.09 -8.19 -26.14
N ILE D 53 -7.70 -8.02 -24.97
CA ILE D 53 -7.75 -9.06 -23.96
C ILE D 53 -9.16 -9.12 -23.36
N ASP D 54 -9.64 -10.34 -23.13
CA ASP D 54 -10.94 -10.56 -22.50
C ASP D 54 -10.90 -10.21 -21.01
N VAL D 55 -12.07 -10.24 -20.39
CA VAL D 55 -12.13 -10.17 -18.94
C VAL D 55 -11.74 -11.50 -18.31
N ILE D 56 -11.82 -12.59 -19.06
CA ILE D 56 -11.25 -13.87 -18.63
C ILE D 56 -9.85 -14.07 -19.21
N ASN D 57 -9.23 -12.99 -19.71
CA ASN D 57 -7.80 -12.95 -20.02
C ASN D 57 -7.43 -13.82 -21.22
N ARG D 58 -8.30 -13.85 -22.23
CA ARG D 58 -8.00 -14.48 -23.50
C ARG D 58 -7.58 -13.40 -24.49
N ALA D 59 -6.45 -13.62 -25.15
CA ALA D 59 -5.83 -12.59 -25.98
C ALA D 59 -6.12 -12.81 -27.45
N ASN D 60 -6.20 -11.71 -28.19
CA ASN D 60 -6.31 -11.71 -29.64
C ASN D 60 -5.32 -10.72 -30.22
N TYR D 61 -4.79 -11.04 -31.40
CA TYR D 61 -3.75 -10.22 -32.02
C TYR D 61 -4.04 -10.03 -33.50
N ALA D 62 -3.83 -8.81 -33.98
CA ALA D 62 -3.82 -8.58 -35.41
C ALA D 62 -2.66 -9.35 -36.05
N ASP D 63 -2.84 -9.72 -37.32
CA ASP D 63 -1.84 -10.54 -38.00
C ASP D 63 -0.49 -9.83 -38.13
N SER D 64 -0.51 -8.51 -38.30
CA SER D 64 0.74 -7.77 -38.44
C SER D 64 1.59 -7.84 -37.17
N VAL D 65 0.98 -8.07 -36.01
CA VAL D 65 1.70 -8.05 -34.74
C VAL D 65 1.77 -9.41 -34.07
N LYS D 66 1.02 -10.40 -34.53
CA LYS D 66 1.07 -11.72 -33.91
C LYS D 66 2.46 -12.32 -34.07
N GLY D 67 3.03 -12.77 -32.96
CA GLY D 67 4.39 -13.27 -32.92
C GLY D 67 5.39 -12.29 -32.34
N ARG D 68 5.00 -11.02 -32.18
CA ARG D 68 5.89 -10.00 -31.63
C ARG D 68 5.30 -9.29 -30.42
N PHE D 69 3.98 -9.11 -30.36
CA PHE D 69 3.35 -8.36 -29.29
C PHE D 69 2.69 -9.30 -28.29
N THR D 70 2.65 -8.88 -27.04
CA THR D 70 2.08 -9.68 -25.96
C THR D 70 1.26 -8.78 -25.05
N ILE D 71 -0.05 -8.96 -25.08
CA ILE D 71 -0.94 -8.23 -24.18
C ILE D 71 -1.12 -9.04 -22.90
N SER D 72 -1.19 -8.35 -21.77
CA SER D 72 -1.32 -9.02 -20.48
C SER D 72 -1.98 -8.07 -19.50
N ARG D 73 -2.52 -8.65 -18.42
CA ARG D 73 -3.28 -7.91 -17.44
C ARG D 73 -2.53 -7.87 -16.10
N ASP D 74 -2.71 -6.77 -15.38
CA ASP D 74 -2.14 -6.55 -14.05
C ASP D 74 -3.12 -5.69 -13.25
N SER D 75 -4.25 -6.31 -12.87
CA SER D 75 -5.29 -5.57 -12.18
C SER D 75 -4.89 -5.13 -10.78
N ALA D 76 -3.79 -5.67 -10.24
CA ALA D 76 -3.26 -5.15 -8.98
C ALA D 76 -2.85 -3.69 -9.13
N LYS D 77 -2.33 -3.33 -10.30
CA LYS D 77 -2.03 -1.94 -10.63
C LYS D 77 -3.11 -1.31 -11.50
N ASN D 78 -4.24 -2.00 -11.71
CA ASN D 78 -5.32 -1.53 -12.57
C ASN D 78 -4.81 -1.19 -13.97
N THR D 79 -4.10 -2.15 -14.57
CA THR D 79 -3.32 -1.88 -15.77
C THR D 79 -3.39 -3.07 -16.72
N VAL D 80 -3.37 -2.77 -18.01
CA VAL D 80 -3.13 -3.75 -19.06
C VAL D 80 -1.84 -3.35 -19.78
N TYR D 81 -0.91 -4.30 -19.91
CA TYR D 81 0.36 -4.06 -20.59
C TYR D 81 0.30 -4.53 -22.03
N LEU D 82 1.12 -3.92 -22.87
CA LEU D 82 1.35 -4.38 -24.25
C LEU D 82 2.85 -4.45 -24.47
N GLN D 83 3.38 -5.67 -24.54
CA GLN D 83 4.80 -5.90 -24.75
C GLN D 83 5.07 -6.04 -26.25
N MET D 84 5.80 -5.09 -26.82
CA MET D 84 6.12 -5.08 -28.24
C MET D 84 7.57 -5.49 -28.44
N ASN D 85 7.80 -6.43 -29.35
CA ASN D 85 9.14 -6.93 -29.65
C ASN D 85 9.42 -6.79 -31.14
N SER D 86 10.72 -6.75 -31.46
CA SER D 86 11.19 -6.66 -32.85
C SER D 86 10.50 -5.52 -33.59
N LEU D 87 10.57 -4.34 -33.00
CA LEU D 87 9.93 -3.17 -33.61
C LEU D 87 10.63 -2.80 -34.91
N GLU D 88 9.85 -2.40 -35.89
CA GLU D 88 10.31 -1.97 -37.19
C GLU D 88 9.70 -0.61 -37.50
N PRO D 89 10.26 0.13 -38.47
CA PRO D 89 9.72 1.47 -38.77
C PRO D 89 8.23 1.50 -39.09
N GLU D 90 7.65 0.40 -39.57
CA GLU D 90 6.21 0.37 -39.82
C GLU D 90 5.38 0.42 -38.55
N ASP D 91 6.01 0.17 -37.39
CA ASP D 91 5.30 0.21 -36.12
C ASP D 91 5.21 1.61 -35.54
N THR D 92 5.75 2.61 -36.22
CA THR D 92 5.63 3.99 -35.77
C THR D 92 4.17 4.44 -35.84
N ALA D 93 3.60 4.77 -34.69
CA ALA D 93 2.21 5.20 -34.60
C ALA D 93 1.95 5.69 -33.19
N VAL D 94 0.83 6.40 -33.02
CA VAL D 94 0.30 6.68 -31.69
C VAL D 94 -0.48 5.47 -31.24
N TYR D 95 -0.06 4.88 -30.12
CA TYR D 95 -0.69 3.67 -29.61
C TYR D 95 -1.71 4.06 -28.54
N SER D 96 -2.98 3.86 -28.85
CA SER D 96 -4.07 4.22 -27.97
C SER D 96 -4.60 2.98 -27.25
N CYS D 97 -5.11 3.20 -26.04
CA CYS D 97 -5.75 2.17 -25.24
C CYS D 97 -7.26 2.42 -25.21
N ALA D 98 -8.03 1.34 -25.13
CA ALA D 98 -9.48 1.45 -25.16
C ALA D 98 -10.08 0.39 -24.24
N ALA D 99 -11.23 0.71 -23.65
CA ALA D 99 -11.87 -0.15 -22.69
C ALA D 99 -13.35 -0.26 -23.00
N HIS D 100 -13.96 -1.30 -22.43
CA HIS D 100 -15.37 -1.60 -22.67
C HIS D 100 -15.85 -2.52 -21.57
N PHE D 101 -16.91 -2.14 -20.88
CA PHE D 101 -17.37 -2.89 -19.73
C PHE D 101 -18.05 -4.18 -20.16
N VAL D 102 -17.65 -5.29 -19.55
CA VAL D 102 -18.25 -6.61 -19.75
C VAL D 102 -19.03 -6.97 -18.49
N PRO D 103 -20.36 -7.00 -18.54
CA PRO D 103 -21.13 -7.35 -17.33
C PRO D 103 -20.88 -8.79 -16.93
N PRO D 104 -21.09 -9.13 -15.65
CA PRO D 104 -20.84 -10.50 -15.20
C PRO D 104 -21.77 -11.54 -15.82
N GLY D 105 -22.82 -11.11 -16.50
CA GLY D 105 -23.68 -12.03 -17.23
C GLY D 105 -23.26 -12.31 -18.65
N SER D 106 -22.25 -11.61 -19.14
CA SER D 106 -21.74 -11.77 -20.50
C SER D 106 -20.24 -12.06 -20.48
N ARG D 107 -19.80 -12.87 -19.51
CA ARG D 107 -18.37 -13.05 -19.27
C ARG D 107 -17.68 -13.76 -20.44
N LEU D 108 -18.41 -14.58 -21.19
CA LEU D 108 -17.84 -15.24 -22.36
C LEU D 108 -17.83 -14.35 -23.59
N ARG D 109 -17.96 -13.04 -23.39
CA ARG D 109 -17.93 -12.09 -24.49
C ARG D 109 -16.62 -12.17 -25.23
N GLY D 110 -16.68 -12.43 -26.53
CA GLY D 110 -15.49 -12.36 -27.35
C GLY D 110 -14.90 -10.97 -27.35
N CYS D 111 -13.59 -10.92 -27.55
CA CYS D 111 -12.80 -9.70 -27.39
C CYS D 111 -12.71 -8.87 -28.67
N LEU D 112 -13.11 -9.43 -29.80
CA LEU D 112 -12.73 -8.88 -31.11
C LEU D 112 -13.67 -7.80 -31.63
N VAL D 113 -14.85 -7.62 -31.03
CA VAL D 113 -15.80 -6.63 -31.54
C VAL D 113 -15.26 -5.23 -31.27
N ASN D 114 -14.72 -4.59 -32.32
CA ASN D 114 -14.13 -3.26 -32.17
C ASN D 114 -15.18 -2.20 -31.87
N GLU D 115 -16.38 -2.35 -32.41
CA GLU D 115 -17.43 -1.33 -32.29
C GLU D 115 -17.99 -1.20 -30.87
N LEU D 116 -17.42 -1.85 -29.85
CA LEU D 116 -17.96 -1.78 -28.50
C LEU D 116 -17.08 -1.00 -27.54
N TYR D 117 -15.93 -0.49 -27.98
CA TYR D 117 -15.00 0.19 -27.08
C TYR D 117 -15.49 1.60 -26.80
N ASN D 118 -15.77 1.87 -25.52
CA ASN D 118 -16.46 3.08 -25.09
C ASN D 118 -15.54 4.12 -24.47
N TYR D 119 -14.43 3.71 -23.88
CA TYR D 119 -13.50 4.62 -23.21
C TYR D 119 -12.15 4.55 -23.91
N TRP D 120 -11.52 5.71 -24.06
CA TRP D 120 -10.27 5.80 -24.82
C TRP D 120 -9.27 6.68 -24.07
N GLY D 121 -8.01 6.26 -24.10
CA GLY D 121 -6.93 7.12 -23.70
C GLY D 121 -6.54 8.07 -24.81
N GLN D 122 -5.52 8.88 -24.53
CA GLN D 122 -5.02 9.83 -25.50
C GLN D 122 -3.89 9.28 -26.36
N GLY D 123 -3.40 8.09 -26.05
CA GLY D 123 -2.36 7.47 -26.86
C GLY D 123 -0.96 7.92 -26.50
N THR D 124 -0.02 6.98 -26.51
CA THR D 124 1.40 7.27 -26.31
C THR D 124 2.15 7.02 -27.62
N GLN D 125 3.02 7.95 -27.97
CA GLN D 125 3.69 7.90 -29.27
C GLN D 125 4.89 6.96 -29.22
N VAL D 126 4.93 6.04 -30.19
CA VAL D 126 6.07 5.15 -30.39
C VAL D 126 6.67 5.46 -31.75
N THR D 127 7.97 5.76 -31.77
CA THR D 127 8.67 6.16 -32.98
C THR D 127 9.89 5.27 -33.17
N VAL D 128 9.88 4.48 -34.23
CA VAL D 128 10.97 3.55 -34.54
C VAL D 128 11.75 4.12 -35.71
N SER D 129 13.01 4.47 -35.47
CA SER D 129 13.84 5.09 -36.49
C SER D 129 15.29 4.72 -36.23
N SER D 130 16.12 4.92 -37.26
CA SER D 130 17.53 4.59 -37.19
C SER D 130 18.32 5.68 -36.45
N ASN E 1 -27.08 14.06 24.48
CA ASN E 1 -26.01 13.39 23.74
C ASN E 1 -26.59 12.59 22.59
N LEU E 2 -26.59 13.19 21.41
CA LEU E 2 -27.20 12.58 20.24
C LEU E 2 -26.32 11.47 19.66
N CYS E 3 -26.95 10.63 18.84
CA CYS E 3 -26.20 9.60 18.12
C CYS E 3 -25.92 10.08 16.70
N PRO E 4 -24.69 9.96 16.21
CA PRO E 4 -24.40 10.44 14.85
C PRO E 4 -25.00 9.54 13.78
N PHE E 5 -26.32 9.34 13.83
CA PHE E 5 -27.01 8.60 12.78
C PHE E 5 -27.21 9.44 11.53
N GLY E 6 -27.21 10.77 11.67
CA GLY E 6 -27.11 11.64 10.51
C GLY E 6 -25.74 11.64 9.86
N GLU E 7 -24.76 10.96 10.47
CA GLU E 7 -23.47 10.75 9.83
C GLU E 7 -23.42 9.44 9.07
N VAL E 8 -24.14 8.42 9.52
CA VAL E 8 -24.17 7.14 8.84
C VAL E 8 -25.10 7.18 7.63
N PHE E 9 -26.32 7.67 7.83
CA PHE E 9 -27.30 7.67 6.75
C PHE E 9 -27.08 8.83 5.78
N ASN E 10 -26.82 10.03 6.29
CA ASN E 10 -26.60 11.20 5.45
C ASN E 10 -25.13 11.37 5.04
N ALA E 11 -24.37 10.28 4.98
CA ALA E 11 -23.01 10.35 4.49
C ALA E 11 -23.00 10.60 2.99
N THR E 12 -22.07 11.45 2.55
CA THR E 12 -22.02 11.82 1.13
C THR E 12 -21.72 10.62 0.26
N ARG E 13 -20.73 9.81 0.64
CA ARG E 13 -20.37 8.62 -0.10
C ARG E 13 -20.39 7.42 0.83
N PHE E 14 -20.69 6.26 0.27
CA PHE E 14 -20.71 4.99 0.99
C PHE E 14 -19.59 4.10 0.47
N ALA E 15 -19.32 3.04 1.21
CA ALA E 15 -18.25 2.12 0.86
C ALA E 15 -18.74 1.07 -0.13
N SER E 16 -17.78 0.41 -0.79
CA SER E 16 -18.09 -0.74 -1.60
C SER E 16 -18.47 -1.92 -0.71
N VAL E 17 -19.35 -2.78 -1.22
CA VAL E 17 -19.93 -3.83 -0.38
C VAL E 17 -18.87 -4.81 0.10
N TYR E 18 -17.85 -5.10 -0.73
CA TYR E 18 -16.79 -6.00 -0.30
C TYR E 18 -15.94 -5.40 0.82
N ALA E 19 -15.93 -4.07 0.96
CA ALA E 19 -15.24 -3.40 2.05
C ALA E 19 -16.24 -2.56 2.85
N TRP E 20 -17.33 -3.19 3.29
CA TRP E 20 -18.41 -2.48 3.96
C TRP E 20 -17.92 -1.76 5.21
N ASN E 21 -18.22 -0.47 5.29
CA ASN E 21 -17.76 0.35 6.41
C ASN E 21 -18.67 0.16 7.62
N ARG E 22 -18.06 0.20 8.80
CA ARG E 22 -18.76 -0.02 10.06
C ARG E 22 -18.47 1.11 11.03
N LYS E 23 -19.50 1.57 11.74
CA LYS E 23 -19.38 2.65 12.71
C LYS E 23 -19.72 2.14 14.11
N ARG E 24 -18.94 2.56 15.09
CA ARG E 24 -19.20 2.24 16.49
C ARG E 24 -20.14 3.30 17.07
N ILE E 25 -21.25 2.85 17.64
CA ILE E 25 -22.26 3.75 18.20
C ILE E 25 -22.57 3.33 19.63
N SER E 26 -22.28 4.22 20.57
CA SER E 26 -22.66 4.04 21.96
C SER E 26 -22.60 5.39 22.64
N ASN E 27 -23.03 5.42 23.90
CA ASN E 27 -22.99 6.64 24.73
C ASN E 27 -23.77 7.78 24.07
N CYS E 28 -25.06 7.52 23.85
CA CYS E 28 -25.95 8.49 23.23
C CYS E 28 -27.39 8.01 23.46
N VAL E 29 -28.34 8.88 23.15
CA VAL E 29 -29.76 8.60 23.28
C VAL E 29 -30.35 8.53 21.88
N ALA E 30 -30.69 7.32 21.42
CA ALA E 30 -31.05 7.09 20.04
C ALA E 30 -32.51 7.45 19.79
N ASP E 31 -32.76 8.20 18.72
CA ASP E 31 -34.09 8.67 18.38
C ASP E 31 -34.52 8.05 17.06
N TYR E 32 -35.66 7.35 17.08
CA TYR E 32 -36.27 6.80 15.88
C TYR E 32 -37.27 7.74 15.26
N SER E 33 -37.39 8.96 15.78
CA SER E 33 -38.24 9.97 15.15
C SER E 33 -37.71 10.33 13.77
N VAL E 34 -36.38 10.33 13.61
CA VAL E 34 -35.79 10.61 12.31
C VAL E 34 -36.19 9.56 11.30
N LEU E 35 -36.25 8.29 11.74
CA LEU E 35 -36.64 7.23 10.81
C LEU E 35 -38.08 7.40 10.35
N TYR E 36 -38.97 7.84 11.25
CA TYR E 36 -40.36 8.06 10.87
C TYR E 36 -40.47 9.20 9.85
N ASN E 37 -39.64 10.24 10.00
CA ASN E 37 -39.70 11.37 9.09
C ASN E 37 -39.28 10.97 7.68
N SER E 38 -38.33 10.05 7.58
CA SER E 38 -37.87 9.59 6.28
C SER E 38 -38.99 8.86 5.54
N ALA E 39 -39.12 9.16 4.24
CA ALA E 39 -40.16 8.58 3.42
C ALA E 39 -39.57 8.15 2.07
N SER E 40 -38.50 7.35 2.12
CA SER E 40 -37.94 6.84 0.87
C SER E 40 -37.21 5.51 1.06
N PHE E 41 -37.43 4.79 2.17
CA PHE E 41 -36.80 3.49 2.39
C PHE E 41 -37.59 2.44 1.61
N SER E 42 -36.97 1.87 0.58
N SER E 42 -36.97 1.88 0.57
CA SER E 42 -37.62 0.81 -0.17
CA SER E 42 -37.63 0.81 -0.17
C SER E 42 -37.78 -0.46 0.68
C SER E 42 -37.79 -0.44 0.70
N THR E 43 -36.75 -0.77 1.47
CA THR E 43 -36.80 -1.90 2.39
C THR E 43 -36.78 -1.39 3.83
N PHE E 44 -37.52 -2.07 4.70
CA PHE E 44 -37.72 -1.62 6.07
C PHE E 44 -37.83 -2.84 6.99
N LYS E 45 -36.94 -3.80 6.80
CA LYS E 45 -37.11 -5.14 7.35
C LYS E 45 -36.37 -5.25 8.69
N CYS E 46 -37.10 -5.67 9.72
CA CYS E 46 -36.56 -5.86 11.06
C CYS E 46 -36.67 -7.31 11.47
N TYR E 47 -35.61 -7.82 12.10
CA TYR E 47 -35.50 -9.22 12.47
C TYR E 47 -35.38 -9.34 13.99
N GLY E 48 -36.24 -10.16 14.58
CA GLY E 48 -36.14 -10.51 15.99
C GLY E 48 -36.32 -9.36 16.97
N VAL E 49 -36.64 -8.17 16.46
CA VAL E 49 -36.88 -7.00 17.29
C VAL E 49 -38.16 -6.32 16.80
N SER E 50 -38.69 -5.42 17.63
CA SER E 50 -39.91 -4.71 17.29
C SER E 50 -39.60 -3.52 16.38
N PRO E 51 -40.16 -3.44 15.17
CA PRO E 51 -40.02 -2.21 14.38
C PRO E 51 -40.76 -1.02 14.96
N THR E 52 -41.52 -1.20 16.04
CA THR E 52 -42.25 -0.12 16.69
C THR E 52 -41.69 0.24 18.06
N LYS E 53 -41.48 -0.74 18.93
CA LYS E 53 -41.10 -0.51 20.31
C LYS E 53 -39.62 -0.18 20.49
N LEU E 54 -38.84 -0.13 19.41
CA LEU E 54 -37.40 0.12 19.53
C LEU E 54 -37.09 1.45 20.20
N ASN E 55 -38.01 2.42 20.18
CA ASN E 55 -37.82 3.66 20.92
C ASN E 55 -37.79 3.43 22.42
N ASP E 56 -38.38 2.32 22.90
CA ASP E 56 -38.34 1.99 24.32
C ASP E 56 -37.20 1.04 24.68
N LEU E 57 -36.63 0.32 23.70
CA LEU E 57 -35.56 -0.62 23.99
C LEU E 57 -34.27 0.11 24.34
N CYS E 58 -33.38 -0.61 25.00
CA CYS E 58 -32.04 -0.14 25.34
C CYS E 58 -31.05 -1.24 24.97
N PHE E 59 -29.88 -0.84 24.50
CA PHE E 59 -28.87 -1.79 24.05
C PHE E 59 -27.49 -1.35 24.49
N THR E 60 -26.57 -2.32 24.56
CA THR E 60 -25.20 -2.03 24.98
C THR E 60 -24.46 -1.26 23.90
N ASN E 61 -24.38 -1.82 22.70
CA ASN E 61 -23.71 -1.19 21.58
C ASN E 61 -24.55 -1.34 20.32
N VAL E 62 -24.33 -0.45 19.37
CA VAL E 62 -25.03 -0.44 18.10
C VAL E 62 -24.00 -0.29 16.98
N TYR E 63 -24.11 -1.13 15.95
CA TYR E 63 -23.20 -1.09 14.81
C TYR E 63 -24.00 -0.82 13.55
N ALA E 64 -23.50 0.10 12.73
CA ALA E 64 -24.17 0.53 11.50
C ALA E 64 -23.26 0.23 10.31
N ASP E 65 -23.44 -0.93 9.70
CA ASP E 65 -22.69 -1.30 8.52
C ASP E 65 -23.35 -0.69 7.29
N SER E 66 -22.61 0.16 6.58
CA SER E 66 -23.13 0.85 5.40
C SER E 66 -22.33 0.47 4.17
N PHE E 67 -23.04 0.22 3.07
CA PHE E 67 -22.42 -0.15 1.81
C PHE E 67 -23.45 0.09 0.69
N VAL E 68 -23.06 -0.22 -0.54
CA VAL E 68 -23.89 0.00 -1.72
C VAL E 68 -23.93 -1.27 -2.55
N ILE E 69 -25.13 -1.71 -2.90
CA ILE E 69 -25.36 -2.84 -3.80
C ILE E 69 -26.45 -2.44 -4.78
N ARG E 70 -26.80 -3.36 -5.67
CA ARG E 70 -27.90 -3.12 -6.61
C ARG E 70 -29.19 -3.73 -6.08
N GLY E 71 -30.31 -3.22 -6.58
CA GLY E 71 -31.61 -3.59 -6.05
C GLY E 71 -31.88 -5.08 -6.09
N ASP E 72 -31.34 -5.77 -7.10
CA ASP E 72 -31.51 -7.22 -7.20
C ASP E 72 -30.87 -7.95 -6.03
N GLU E 73 -29.88 -7.35 -5.38
CA GLU E 73 -29.11 -8.03 -4.35
C GLU E 73 -29.54 -7.70 -2.93
N VAL E 74 -30.37 -6.66 -2.73
CA VAL E 74 -30.85 -6.32 -1.39
C VAL E 74 -31.62 -7.47 -0.79
N ARG E 75 -32.17 -8.35 -1.63
CA ARG E 75 -32.80 -9.58 -1.15
C ARG E 75 -31.85 -10.42 -0.33
N GLN E 76 -30.55 -10.35 -0.61
CA GLN E 76 -29.56 -11.21 0.02
C GLN E 76 -29.06 -10.67 1.36
N ILE E 77 -29.25 -9.39 1.65
CA ILE E 77 -28.90 -8.84 2.96
C ILE E 77 -29.95 -9.28 3.96
N ALA E 78 -29.98 -10.57 4.26
CA ALA E 78 -30.96 -11.16 5.16
C ALA E 78 -30.38 -12.44 5.74
N PRO E 79 -30.75 -12.81 6.96
CA PRO E 79 -30.20 -14.03 7.56
C PRO E 79 -30.58 -15.27 6.76
N GLY E 80 -29.65 -16.21 6.68
CA GLY E 80 -29.90 -17.45 5.97
C GLY E 80 -30.04 -17.30 4.48
N GLN E 81 -29.54 -16.21 3.89
CA GLN E 81 -29.63 -15.98 2.46
C GLN E 81 -28.31 -16.34 1.79
N THR E 82 -28.39 -16.56 0.48
CA THR E 82 -27.25 -16.94 -0.34
C THR E 82 -27.24 -16.11 -1.63
N GLY E 83 -26.11 -16.17 -2.33
CA GLY E 83 -25.88 -15.38 -3.52
C GLY E 83 -24.46 -14.84 -3.50
N LYS E 84 -24.15 -13.98 -4.47
CA LYS E 84 -22.80 -13.44 -4.55
C LYS E 84 -22.52 -12.46 -3.40
N ILE E 85 -23.54 -11.72 -2.96
CA ILE E 85 -23.32 -10.73 -1.92
C ILE E 85 -23.24 -11.39 -0.54
N ALA E 86 -24.17 -12.30 -0.25
CA ALA E 86 -24.20 -12.90 1.07
C ALA E 86 -23.04 -13.88 1.30
N ASP E 87 -22.60 -14.57 0.25
CA ASP E 87 -21.55 -15.57 0.43
C ASP E 87 -20.16 -14.96 0.42
N TYR E 88 -19.95 -13.92 -0.39
CA TYR E 88 -18.60 -13.42 -0.63
C TYR E 88 -18.36 -11.97 -0.19
N ASN E 89 -19.40 -11.24 0.24
CA ASN E 89 -19.21 -9.84 0.60
C ASN E 89 -19.70 -9.54 2.01
N TYR E 90 -21.00 -9.67 2.23
CA TYR E 90 -21.61 -9.30 3.52
C TYR E 90 -22.61 -10.39 3.92
N LYS E 91 -22.22 -11.22 4.87
CA LYS E 91 -23.06 -12.31 5.36
C LYS E 91 -23.74 -11.91 6.66
N LEU E 92 -25.05 -12.15 6.74
CA LEU E 92 -25.80 -11.91 7.97
C LEU E 92 -25.97 -13.21 8.75
N PRO E 93 -25.87 -13.16 10.07
CA PRO E 93 -26.10 -14.35 10.89
C PRO E 93 -27.59 -14.65 11.02
N ASP E 94 -27.89 -15.93 11.27
CA ASP E 94 -29.27 -16.35 11.41
C ASP E 94 -29.91 -15.75 12.66
N ASP E 95 -29.17 -15.69 13.77
CA ASP E 95 -29.64 -15.04 14.99
C ASP E 95 -29.45 -13.53 14.96
N PHE E 96 -29.78 -12.90 13.83
CA PHE E 96 -29.58 -11.47 13.66
C PHE E 96 -30.70 -10.70 14.35
N THR E 97 -30.34 -9.87 15.32
CA THR E 97 -31.28 -8.98 16.00
C THR E 97 -30.92 -7.55 15.60
N GLY E 98 -31.82 -6.92 14.86
CA GLY E 98 -31.55 -5.64 14.24
C GLY E 98 -32.39 -5.52 12.99
N CYS E 99 -32.05 -4.52 12.17
CA CYS E 99 -32.80 -4.24 10.95
C CYS E 99 -31.85 -3.87 9.83
N VAL E 100 -32.25 -4.21 8.60
CA VAL E 100 -31.56 -3.77 7.39
C VAL E 100 -32.45 -2.73 6.71
N ILE E 101 -31.85 -1.61 6.31
CA ILE E 101 -32.58 -0.52 5.69
C ILE E 101 -31.82 -0.08 4.44
N ALA E 102 -32.53 -0.04 3.31
CA ALA E 102 -31.94 0.37 2.04
C ALA E 102 -32.84 1.38 1.36
N TRP E 103 -32.26 2.11 0.41
CA TRP E 103 -33.00 3.09 -0.37
C TRP E 103 -32.32 3.29 -1.71
N ASN E 104 -33.10 3.74 -2.69
CA ASN E 104 -32.57 3.95 -4.03
C ASN E 104 -31.71 5.20 -4.07
N SER E 105 -30.47 5.04 -4.56
CA SER E 105 -29.50 6.12 -4.61
C SER E 105 -29.11 6.46 -6.05
N ASN E 106 -30.03 6.26 -7.00
CA ASN E 106 -29.72 6.51 -8.40
C ASN E 106 -29.41 7.99 -8.65
N ASN E 107 -29.97 8.88 -7.82
CA ASN E 107 -29.69 10.30 -7.96
C ASN E 107 -28.29 10.69 -7.51
N LEU E 108 -27.59 9.81 -6.79
CA LEU E 108 -26.26 10.13 -6.27
C LEU E 108 -25.18 9.19 -6.79
N ASP E 109 -25.43 7.89 -6.82
CA ASP E 109 -24.41 6.90 -7.16
C ASP E 109 -24.43 6.50 -8.62
N SER E 110 -25.26 7.12 -9.45
CA SER E 110 -25.33 6.81 -10.88
C SER E 110 -24.93 8.03 -11.68
N LYS E 111 -24.13 7.79 -12.73
CA LYS E 111 -23.70 8.83 -13.66
C LYS E 111 -24.02 8.37 -15.07
N VAL E 112 -24.22 9.34 -15.96
CA VAL E 112 -24.66 9.03 -17.32
C VAL E 112 -23.64 8.14 -18.02
N GLY E 113 -22.35 8.38 -17.80
CA GLY E 113 -21.32 7.53 -18.35
C GLY E 113 -21.11 6.22 -17.63
N GLY E 114 -21.81 5.99 -16.52
CA GLY E 114 -21.65 4.78 -15.75
C GLY E 114 -20.65 4.94 -14.62
N ASN E 115 -21.12 4.78 -13.39
CA ASN E 115 -20.26 4.86 -12.21
C ASN E 115 -19.77 3.45 -11.88
N TYR E 116 -18.46 3.24 -11.97
CA TYR E 116 -17.86 1.94 -11.71
C TYR E 116 -17.03 1.91 -10.44
N ASN E 117 -17.14 2.93 -9.60
CA ASN E 117 -16.31 3.00 -8.40
C ASN E 117 -16.77 2.06 -7.29
N TYR E 118 -18.04 1.66 -7.29
CA TYR E 118 -18.53 0.68 -6.32
C TYR E 118 -18.19 -0.72 -6.80
N LEU E 119 -17.43 -1.45 -5.99
CA LEU E 119 -16.94 -2.78 -6.35
C LEU E 119 -17.67 -3.85 -5.55
N TYR E 120 -17.44 -5.10 -5.96
CA TYR E 120 -17.94 -6.26 -5.24
C TYR E 120 -17.02 -7.43 -5.53
N ARG E 121 -16.86 -8.30 -4.53
CA ARG E 121 -16.05 -9.50 -4.69
C ARG E 121 -16.83 -10.52 -5.50
N LEU E 122 -16.23 -11.00 -6.59
CA LEU E 122 -16.86 -11.98 -7.47
C LEU E 122 -16.42 -13.40 -7.18
N PHE E 123 -15.18 -13.60 -6.72
CA PHE E 123 -14.63 -14.94 -6.51
C PHE E 123 -14.11 -15.06 -5.08
N ARG E 124 -14.28 -16.25 -4.52
CA ARG E 124 -13.67 -16.61 -3.25
C ARG E 124 -13.72 -18.12 -3.12
N LYS E 125 -12.68 -18.71 -2.52
CA LYS E 125 -12.64 -20.16 -2.37
C LYS E 125 -13.51 -20.62 -1.21
N SER E 126 -13.60 -19.84 -0.15
CA SER E 126 -14.47 -20.12 0.98
C SER E 126 -15.59 -19.09 1.04
N ASN E 127 -16.48 -19.25 2.01
CA ASN E 127 -17.56 -18.31 2.25
C ASN E 127 -17.31 -17.56 3.55
N LEU E 128 -17.77 -16.31 3.59
CA LEU E 128 -17.53 -15.44 4.74
C LEU E 128 -18.42 -15.83 5.91
N LYS E 129 -17.83 -15.84 7.11
CA LYS E 129 -18.63 -15.96 8.32
C LYS E 129 -19.43 -14.68 8.51
N PRO E 130 -20.49 -14.72 9.33
CA PRO E 130 -21.28 -13.50 9.57
C PRO E 130 -20.42 -12.34 10.05
N PHE E 131 -20.65 -11.18 9.43
CA PHE E 131 -19.94 -9.93 9.77
C PHE E 131 -18.44 -10.04 9.54
N GLU E 132 -18.05 -10.72 8.46
CA GLU E 132 -16.66 -10.82 8.06
C GLU E 132 -16.40 -9.95 6.84
N ARG E 133 -15.27 -9.24 6.85
CA ARG E 133 -14.89 -8.33 5.79
C ARG E 133 -13.62 -8.84 5.12
N ASP E 134 -13.71 -9.14 3.83
CA ASP E 134 -12.59 -9.63 3.04
C ASP E 134 -12.19 -8.53 2.05
N ILE E 135 -11.02 -7.93 2.27
CA ILE E 135 -10.51 -6.87 1.41
C ILE E 135 -9.30 -7.33 0.61
N SER E 136 -9.02 -8.63 0.60
CA SER E 136 -7.87 -9.15 -0.12
C SER E 136 -8.13 -9.14 -1.63
N THR E 137 -7.05 -8.96 -2.39
CA THR E 137 -7.11 -8.93 -3.85
C THR E 137 -6.14 -9.95 -4.44
N GLU E 138 -6.05 -11.12 -3.82
CA GLU E 138 -5.19 -12.18 -4.35
C GLU E 138 -5.77 -12.73 -5.65
N ILE E 139 -4.88 -13.19 -6.52
CA ILE E 139 -5.30 -13.75 -7.81
C ILE E 139 -6.03 -15.06 -7.54
N TYR E 140 -7.33 -15.08 -7.81
CA TYR E 140 -8.13 -16.27 -7.57
C TYR E 140 -7.75 -17.39 -8.53
N GLN E 141 -7.69 -18.61 -8.01
CA GLN E 141 -7.37 -19.78 -8.81
C GLN E 141 -8.66 -20.44 -9.25
N ALA E 142 -8.96 -20.36 -10.55
CA ALA E 142 -10.17 -20.94 -11.12
C ALA E 142 -9.88 -22.14 -12.00
N GLY E 143 -8.62 -22.51 -12.18
CA GLY E 143 -8.28 -23.65 -13.01
C GLY E 143 -7.45 -24.70 -12.30
N SER E 144 -6.79 -25.56 -13.07
CA SER E 144 -6.01 -26.64 -12.48
C SER E 144 -4.69 -26.13 -11.90
N THR E 145 -3.86 -25.52 -12.75
CA THR E 145 -2.52 -25.10 -12.38
C THR E 145 -2.57 -23.85 -11.50
N PRO E 146 -1.69 -23.74 -10.51
CA PRO E 146 -1.60 -22.50 -9.71
C PRO E 146 -1.28 -21.30 -10.58
N CYS E 147 -1.41 -20.12 -9.98
CA CYS E 147 -1.25 -18.85 -10.68
C CYS E 147 0.04 -18.12 -10.36
N ASN E 148 0.60 -18.31 -9.16
CA ASN E 148 1.81 -17.62 -8.73
C ASN E 148 1.65 -16.10 -8.81
N GLY E 149 0.43 -15.61 -8.65
CA GLY E 149 0.16 -14.20 -8.72
C GLY E 149 0.06 -13.63 -10.12
N VAL E 150 0.11 -14.48 -11.15
CA VAL E 150 0.03 -14.02 -12.54
C VAL E 150 -1.41 -14.10 -13.01
N GLU E 151 -1.90 -13.02 -13.61
CA GLU E 151 -3.23 -13.02 -14.20
C GLU E 151 -3.20 -13.64 -15.59
N GLY E 152 -4.12 -14.55 -15.86
CA GLY E 152 -4.21 -15.20 -17.14
C GLY E 152 -5.46 -16.03 -17.26
N PHE E 153 -5.44 -17.07 -18.08
CA PHE E 153 -6.59 -17.95 -18.21
C PHE E 153 -6.82 -18.71 -16.91
N ASN E 154 -8.05 -18.62 -16.39
CA ASN E 154 -8.45 -19.27 -15.14
C ASN E 154 -7.69 -18.75 -13.92
N CYS E 155 -7.06 -17.59 -14.05
CA CYS E 155 -6.37 -16.91 -12.95
C CYS E 155 -6.83 -15.46 -12.98
N TYR E 156 -7.90 -15.16 -12.24
CA TYR E 156 -8.64 -13.91 -12.39
C TYR E 156 -8.46 -13.02 -11.17
N PHE E 157 -8.61 -11.72 -11.40
CA PHE E 157 -8.72 -10.76 -10.32
C PHE E 157 -10.06 -10.91 -9.64
N PRO E 158 -10.11 -10.93 -8.30
CA PRO E 158 -11.35 -11.30 -7.60
C PRO E 158 -12.41 -10.20 -7.56
N LEU E 159 -12.04 -8.94 -7.75
CA LEU E 159 -13.00 -7.85 -7.63
C LEU E 159 -13.63 -7.51 -8.97
N GLN E 160 -14.76 -6.82 -8.92
CA GLN E 160 -15.51 -6.45 -10.11
C GLN E 160 -16.22 -5.13 -9.86
N SER E 161 -16.38 -4.34 -10.92
CA SER E 161 -17.12 -3.10 -10.85
C SER E 161 -18.61 -3.35 -11.09
N TYR E 162 -19.43 -2.41 -10.64
CA TYR E 162 -20.88 -2.59 -10.71
C TYR E 162 -21.47 -2.01 -11.98
N GLY E 163 -21.10 -0.78 -12.34
CA GLY E 163 -21.68 -0.14 -13.50
C GLY E 163 -23.08 0.39 -13.22
N PHE E 164 -23.15 1.59 -12.66
CA PHE E 164 -24.41 2.19 -12.24
C PHE E 164 -24.72 3.38 -13.14
N GLN E 165 -25.53 3.14 -14.16
CA GLN E 165 -26.08 4.18 -15.02
C GLN E 165 -27.50 4.53 -14.57
N PRO E 166 -27.97 5.75 -14.86
CA PRO E 166 -29.36 6.09 -14.49
C PRO E 166 -30.39 5.32 -15.32
N THR E 167 -30.10 5.05 -16.59
CA THR E 167 -31.01 4.35 -17.49
C THR E 167 -31.11 2.84 -17.21
N ASN E 168 -30.50 2.33 -16.14
CA ASN E 168 -30.61 0.92 -15.83
C ASN E 168 -32.01 0.59 -15.33
N GLY E 169 -32.35 -0.69 -15.42
CA GLY E 169 -33.56 -1.17 -14.78
C GLY E 169 -33.46 -1.06 -13.27
N VAL E 170 -34.63 -1.01 -12.63
CA VAL E 170 -34.69 -0.81 -11.18
C VAL E 170 -33.90 -1.90 -10.45
N GLY E 171 -33.80 -3.09 -11.02
CA GLY E 171 -33.06 -4.15 -10.38
C GLY E 171 -31.55 -3.95 -10.42
N TYR E 172 -31.06 -3.21 -11.40
CA TYR E 172 -29.63 -2.98 -11.59
C TYR E 172 -29.25 -1.54 -11.28
N GLN E 173 -29.81 -0.97 -10.22
CA GLN E 173 -29.50 0.40 -9.80
C GLN E 173 -28.92 0.41 -8.40
N PRO E 174 -28.05 1.37 -8.09
CA PRO E 174 -27.37 1.35 -6.79
C PRO E 174 -28.34 1.55 -5.64
N TYR E 175 -28.14 0.76 -4.58
CA TYR E 175 -28.97 0.81 -3.38
C TYR E 175 -28.07 0.88 -2.16
N ARG E 176 -28.05 2.03 -1.50
CA ARG E 176 -27.33 2.17 -0.25
C ARG E 176 -28.04 1.38 0.84
N VAL E 177 -27.28 0.55 1.55
CA VAL E 177 -27.82 -0.30 2.61
C VAL E 177 -27.12 0.06 3.92
N VAL E 178 -27.90 0.15 4.99
CA VAL E 178 -27.37 0.39 6.33
C VAL E 178 -27.97 -0.67 7.26
N VAL E 179 -27.12 -1.52 7.81
CA VAL E 179 -27.55 -2.61 8.69
C VAL E 179 -27.24 -2.20 10.12
N LEU E 180 -28.28 -1.94 10.90
CA LEU E 180 -28.13 -1.61 12.31
C LEU E 180 -28.18 -2.90 13.12
N SER E 181 -27.05 -3.27 13.73
CA SER E 181 -26.95 -4.48 14.53
C SER E 181 -27.02 -4.10 16.01
N PHE E 182 -28.12 -4.46 16.65
CA PHE E 182 -28.36 -4.13 18.06
C PHE E 182 -27.70 -5.19 18.94
N GLU E 183 -26.59 -4.83 19.58
CA GLU E 183 -25.86 -5.73 20.45
C GLU E 183 -26.22 -5.43 21.90
N LEU E 184 -26.71 -6.44 22.61
CA LEU E 184 -27.00 -6.34 24.04
C LEU E 184 -26.27 -7.46 24.76
N LEU E 185 -25.66 -7.10 25.91
CA LEU E 185 -24.77 -8.00 26.62
C LEU E 185 -25.33 -8.37 27.99
N HIS E 186 -24.43 -8.70 28.92
CA HIS E 186 -24.72 -8.63 30.34
C HIS E 186 -23.96 -7.45 30.91
N ALA E 187 -24.11 -6.29 30.26
CA ALA E 187 -23.53 -5.04 30.71
C ALA E 187 -24.62 -4.01 30.46
N PRO E 188 -24.90 -3.14 31.42
CA PRO E 188 -26.02 -2.20 31.29
C PRO E 188 -25.95 -1.41 29.98
N ALA E 189 -27.12 -1.09 29.44
CA ALA E 189 -27.22 -0.55 28.10
C ALA E 189 -26.73 0.89 28.05
N THR E 190 -25.92 1.19 27.04
CA THR E 190 -25.39 2.54 26.83
C THR E 190 -26.17 3.31 25.76
N VAL E 191 -26.76 2.61 24.80
CA VAL E 191 -27.69 3.21 23.84
C VAL E 191 -29.10 2.92 24.33
N CYS E 192 -29.92 3.96 24.46
CA CYS E 192 -31.28 3.77 24.94
C CYS E 192 -32.31 4.44 24.03
N GLY E 193 -32.47 5.75 24.20
CA GLY E 193 -33.50 6.48 23.51
C GLY E 193 -34.46 7.13 24.47
N PRO E 194 -35.19 8.17 24.02
CA PRO E 194 -36.13 8.89 24.86
C PRO E 194 -37.21 8.00 25.45
N GLY F 1 14.47 9.23 2.09
CA GLY F 1 14.48 10.59 1.59
C GLY F 1 14.24 11.64 2.66
N PRO F 2 15.31 12.09 3.31
CA PRO F 2 15.16 13.15 4.32
C PRO F 2 14.89 14.52 3.72
N GLN F 3 15.25 14.74 2.47
CA GLN F 3 15.03 16.01 1.79
C GLN F 3 13.98 15.83 0.69
N VAL F 4 13.18 16.88 0.47
CA VAL F 4 12.18 16.85 -0.59
C VAL F 4 12.87 16.75 -1.94
N GLN F 5 12.37 15.86 -2.80
CA GLN F 5 12.92 15.66 -4.13
C GLN F 5 11.79 15.49 -5.13
N LEU F 6 11.89 16.18 -6.26
CA LEU F 6 10.90 16.12 -7.33
C LEU F 6 11.47 15.38 -8.52
N VAL F 7 10.67 14.51 -9.13
CA VAL F 7 11.07 13.73 -10.29
C VAL F 7 9.97 13.82 -11.33
N GLU F 8 10.33 14.27 -12.53
CA GLU F 8 9.39 14.39 -13.63
C GLU F 8 9.44 13.16 -14.54
N SER F 9 8.30 12.84 -15.13
CA SER F 9 8.17 11.71 -16.05
C SER F 9 7.19 12.07 -17.15
N GLY F 10 7.17 11.25 -18.20
CA GLY F 10 6.22 11.39 -19.28
C GLY F 10 6.76 12.05 -20.53
N GLY F 11 7.97 12.60 -20.49
CA GLY F 11 8.52 13.23 -21.67
C GLY F 11 8.68 12.23 -22.80
N ASN F 12 8.36 12.68 -24.01
CA ASN F 12 8.38 11.81 -25.18
C ASN F 12 8.54 12.67 -26.43
N LEU F 13 8.87 12.01 -27.53
CA LEU F 13 8.82 12.62 -28.86
C LEU F 13 7.41 12.43 -29.41
N VAL F 14 6.70 13.53 -29.64
CA VAL F 14 5.33 13.50 -30.09
C VAL F 14 5.20 14.32 -31.37
N GLN F 15 4.01 14.28 -31.96
CA GLN F 15 3.71 14.98 -33.19
C GLN F 15 2.83 16.20 -32.93
N PRO F 16 2.82 17.17 -33.85
CA PRO F 16 1.93 18.32 -33.69
C PRO F 16 0.48 17.88 -33.64
N GLY F 17 -0.24 18.39 -32.64
CA GLY F 17 -1.60 17.97 -32.39
C GLY F 17 -1.73 16.84 -31.39
N GLY F 18 -0.64 16.19 -31.03
CA GLY F 18 -0.68 15.13 -30.04
C GLY F 18 -0.86 15.67 -28.64
N SER F 19 -0.82 14.75 -27.68
CA SER F 19 -1.03 15.11 -26.28
C SER F 19 -0.02 14.38 -25.40
N LEU F 20 0.13 14.89 -24.18
CA LEU F 20 1.06 14.33 -23.21
C LEU F 20 0.59 14.67 -21.82
N ARG F 21 0.75 13.72 -20.89
CA ARG F 21 0.55 13.98 -19.47
C ARG F 21 1.88 13.80 -18.77
N LEU F 22 2.44 14.91 -18.29
CA LEU F 22 3.66 14.88 -17.49
C LEU F 22 3.29 14.72 -16.02
N SER F 23 4.12 13.96 -15.30
CA SER F 23 3.91 13.72 -13.88
C SER F 23 5.07 14.31 -13.10
N CYS F 24 4.76 14.88 -11.94
CA CYS F 24 5.77 15.36 -11.00
C CYS F 24 5.57 14.60 -9.70
N ALA F 25 6.42 13.60 -9.46
CA ALA F 25 6.34 12.79 -8.25
C ALA F 25 7.25 13.39 -7.18
N ALA F 26 6.72 13.53 -5.98
CA ALA F 26 7.46 14.11 -4.85
C ALA F 26 7.85 13.03 -3.86
N SER F 27 9.01 13.21 -3.25
CA SER F 27 9.52 12.29 -2.24
C SER F 27 9.95 13.08 -1.02
N GLY F 28 9.73 12.52 0.17
CA GLY F 28 10.14 13.16 1.40
C GLY F 28 9.08 13.99 2.10
N GLY F 29 7.82 13.85 1.72
CA GLY F 29 6.75 14.61 2.33
C GLY F 29 5.54 14.65 1.43
N THR F 30 4.48 15.24 1.97
CA THR F 30 3.23 15.35 1.22
C THR F 30 3.31 16.55 0.28
N LEU F 31 3.16 16.30 -1.02
CA LEU F 31 3.10 17.38 -1.99
C LEU F 31 1.85 18.23 -1.82
N ALA F 32 0.88 17.77 -1.02
CA ALA F 32 -0.30 18.57 -0.72
C ALA F 32 -0.02 19.75 0.18
N SER F 33 1.16 19.80 0.81
CA SER F 33 1.59 20.95 1.59
C SER F 33 2.33 21.98 0.75
N PHE F 34 2.39 21.79 -0.56
CA PHE F 34 3.25 22.58 -1.42
C PHE F 34 2.46 23.13 -2.59
N ALA F 35 2.71 24.39 -2.93
CA ALA F 35 2.30 24.92 -4.22
C ALA F 35 3.27 24.42 -5.28
N VAL F 36 2.75 23.88 -6.37
CA VAL F 36 3.56 23.27 -7.41
C VAL F 36 3.43 24.09 -8.67
N GLY F 37 4.55 24.32 -9.34
CA GLY F 37 4.56 25.05 -10.59
C GLY F 37 5.31 24.29 -11.66
N TRP F 38 4.83 24.41 -12.89
CA TRP F 38 5.46 23.81 -14.06
C TRP F 38 6.15 24.89 -14.88
N PHE F 39 7.39 24.62 -15.28
CA PHE F 39 8.17 25.53 -16.10
C PHE F 39 8.68 24.79 -17.32
N ARG F 40 8.99 25.55 -18.37
CA ARG F 40 9.57 24.97 -19.57
C ARG F 40 10.70 25.86 -20.08
N GLN F 41 11.72 25.21 -20.64
CA GLN F 41 12.89 25.89 -21.17
C GLN F 41 13.15 25.38 -22.59
N ALA F 42 12.85 26.20 -23.58
CA ALA F 42 13.12 25.85 -24.96
C ALA F 42 14.57 26.17 -25.31
N PRO F 43 15.12 25.52 -26.34
CA PRO F 43 16.51 25.81 -26.72
C PRO F 43 16.68 27.26 -27.16
N GLY F 44 17.64 27.93 -26.53
CA GLY F 44 17.93 29.31 -26.84
C GLY F 44 17.11 30.34 -26.09
N LYS F 45 15.93 29.97 -25.60
CA LYS F 45 15.06 30.89 -24.90
C LYS F 45 15.22 30.75 -23.39
N GLU F 46 14.65 31.69 -22.65
CA GLU F 46 14.72 31.66 -21.20
C GLU F 46 13.74 30.63 -20.63
N ARG F 47 13.94 30.31 -19.36
CA ARG F 47 12.99 29.44 -18.68
C ARG F 47 11.69 30.19 -18.44
N GLU F 48 10.58 29.53 -18.70
CA GLU F 48 9.27 30.16 -18.75
C GLU F 48 8.27 29.33 -17.95
N GLY F 49 7.56 29.98 -17.03
CA GLY F 49 6.52 29.31 -16.29
C GLY F 49 5.26 29.13 -17.14
N VAL F 50 4.64 27.96 -17.01
CA VAL F 50 3.49 27.63 -17.85
C VAL F 50 2.25 27.40 -17.00
N SER F 51 2.41 26.84 -15.81
CA SER F 51 1.24 26.54 -14.98
C SER F 51 1.67 26.30 -13.54
N CYS F 52 0.75 26.55 -12.61
CA CYS F 52 0.98 26.32 -11.19
C CYS F 52 -0.36 26.06 -10.50
N ILE F 53 -0.29 25.53 -9.28
CA ILE F 53 -1.49 25.16 -8.53
C ILE F 53 -1.29 25.46 -7.04
N ASP F 54 -2.29 26.11 -6.44
CA ASP F 54 -2.29 26.45 -5.03
C ASP F 54 -2.38 25.19 -4.17
N VAL F 55 -2.26 25.37 -2.86
CA VAL F 55 -2.59 24.28 -1.94
C VAL F 55 -4.09 24.10 -1.77
N ILE F 56 -4.89 25.08 -2.20
CA ILE F 56 -6.35 24.94 -2.16
C ILE F 56 -6.79 24.57 -3.57
N ASN F 57 -5.81 24.20 -4.39
CA ASN F 57 -6.02 23.63 -5.71
C ASN F 57 -6.62 24.64 -6.69
N ARG F 58 -6.26 25.91 -6.57
CA ARG F 58 -6.57 26.88 -7.63
C ARG F 58 -5.46 26.84 -8.67
N ALA F 59 -5.83 26.85 -9.94
CA ALA F 59 -4.89 26.70 -11.04
C ALA F 59 -4.71 28.02 -11.78
N ASN F 60 -3.48 28.26 -12.24
CA ASN F 60 -3.18 29.40 -13.10
C ASN F 60 -2.29 28.93 -14.24
N TYR F 61 -2.41 29.62 -15.38
CA TYR F 61 -1.71 29.23 -16.59
C TYR F 61 -1.16 30.46 -17.29
N ALA F 62 0.01 30.30 -17.90
CA ALA F 62 0.52 31.33 -18.79
C ALA F 62 -0.39 31.46 -20.01
N ASP F 63 -0.40 32.66 -20.58
CA ASP F 63 -1.30 32.92 -21.71
C ASP F 63 -0.95 32.05 -22.91
N SER F 64 0.31 31.62 -23.03
CA SER F 64 0.73 30.84 -24.19
C SER F 64 0.17 29.42 -24.17
N VAL F 65 -0.29 28.93 -23.01
CA VAL F 65 -0.77 27.56 -22.87
C VAL F 65 -2.20 27.50 -22.37
N LYS F 66 -2.87 28.63 -22.18
CA LYS F 66 -4.23 28.63 -21.66
C LYS F 66 -5.17 27.93 -22.64
N GLY F 67 -6.11 27.15 -22.09
CA GLY F 67 -7.03 26.38 -22.89
C GLY F 67 -6.48 25.08 -23.42
N ARG F 68 -5.17 24.89 -23.39
CA ARG F 68 -4.53 23.67 -23.88
C ARG F 68 -3.95 22.81 -22.77
N PHE F 69 -3.44 23.41 -21.70
CA PHE F 69 -2.83 22.68 -20.61
C PHE F 69 -3.77 22.64 -19.41
N THR F 70 -3.65 21.58 -18.61
CA THR F 70 -4.44 21.45 -17.39
C THR F 70 -3.54 20.87 -16.30
N ILE F 71 -3.34 21.64 -15.24
CA ILE F 71 -2.60 21.16 -14.09
C ILE F 71 -3.60 20.61 -13.06
N SER F 72 -3.24 19.48 -12.45
CA SER F 72 -4.13 18.87 -11.47
C SER F 72 -3.28 18.11 -10.45
N ARG F 73 -3.88 17.84 -9.31
CA ARG F 73 -3.19 17.29 -8.15
C ARG F 73 -3.70 15.89 -7.85
N ASP F 74 -2.77 14.98 -7.52
CA ASP F 74 -3.09 13.60 -7.12
C ASP F 74 -2.20 13.27 -5.93
N SER F 75 -2.58 13.80 -4.77
CA SER F 75 -1.76 13.64 -3.57
C SER F 75 -1.70 12.20 -3.09
N ALA F 76 -2.67 11.38 -3.45
CA ALA F 76 -2.61 9.96 -3.11
C ALA F 76 -1.35 9.31 -3.68
N LYS F 77 -0.87 9.80 -4.81
CA LYS F 77 0.38 9.34 -5.41
C LYS F 77 1.51 10.35 -5.24
N ASN F 78 1.31 11.37 -4.39
CA ASN F 78 2.30 12.41 -4.14
C ASN F 78 2.75 13.07 -5.45
N THR F 79 1.76 13.40 -6.28
CA THR F 79 2.02 13.77 -7.66
C THR F 79 1.15 14.97 -8.05
N VAL F 80 1.69 15.81 -8.94
CA VAL F 80 0.93 16.81 -9.66
C VAL F 80 1.13 16.56 -11.16
N TYR F 81 0.02 16.44 -11.89
CA TYR F 81 0.06 16.17 -13.32
C TYR F 81 -0.08 17.46 -14.13
N LEU F 82 0.48 17.44 -15.34
CA LEU F 82 0.28 18.50 -16.32
C LEU F 82 -0.19 17.86 -17.62
N GLN F 83 -1.48 17.96 -17.90
CA GLN F 83 -2.04 17.43 -19.13
C GLN F 83 -1.85 18.43 -20.26
N MET F 84 -1.10 18.04 -21.28
CA MET F 84 -0.76 18.91 -22.39
C MET F 84 -1.52 18.44 -23.64
N ASN F 85 -2.36 19.32 -24.18
CA ASN F 85 -3.14 19.03 -25.37
C ASN F 85 -2.75 19.94 -26.52
N SER F 86 -3.06 19.49 -27.73
CA SER F 86 -2.87 20.27 -28.97
C SER F 86 -1.44 20.81 -29.06
N LEU F 87 -0.49 19.89 -28.97
CA LEU F 87 0.92 20.27 -28.92
C LEU F 87 1.37 20.81 -30.27
N GLU F 88 2.24 21.81 -30.23
CA GLU F 88 2.82 22.47 -31.37
C GLU F 88 4.33 22.45 -31.25
N PRO F 89 5.06 22.61 -32.36
CA PRO F 89 6.53 22.62 -32.29
C PRO F 89 7.08 23.68 -31.34
N GLU F 90 6.34 24.77 -31.09
CA GLU F 90 6.81 25.77 -30.14
C GLU F 90 6.80 25.26 -28.71
N ASP F 91 6.10 24.17 -28.44
CA ASP F 91 6.08 23.56 -27.12
C ASP F 91 7.27 22.66 -26.85
N THR F 92 8.20 22.55 -27.80
CA THR F 92 9.39 21.73 -27.62
C THR F 92 10.31 22.40 -26.61
N ALA F 93 10.50 21.75 -25.46
CA ALA F 93 11.27 22.31 -24.36
C ALA F 93 11.45 21.25 -23.29
N VAL F 94 12.35 21.52 -22.36
CA VAL F 94 12.48 20.73 -21.15
C VAL F 94 11.46 21.25 -20.14
N TYR F 95 10.57 20.38 -19.68
CA TYR F 95 9.51 20.76 -18.75
C TYR F 95 9.91 20.31 -17.34
N SER F 96 10.21 21.27 -16.48
CA SER F 96 10.67 21.01 -15.13
C SER F 96 9.58 21.37 -14.13
N CYS F 97 9.69 20.77 -12.95
CA CYS F 97 8.70 20.88 -11.89
C CYS F 97 9.31 21.57 -10.68
N ALA F 98 8.53 22.41 -10.02
CA ALA F 98 9.03 23.19 -8.88
C ALA F 98 7.96 23.29 -7.81
N ALA F 99 8.40 23.38 -6.56
CA ALA F 99 7.49 23.41 -5.42
C ALA F 99 8.08 24.24 -4.30
N HIS F 100 7.20 24.79 -3.46
CA HIS F 100 7.65 25.49 -2.26
C HIS F 100 6.61 25.31 -1.16
N PHE F 101 7.08 25.15 0.07
CA PHE F 101 6.23 24.81 1.19
C PHE F 101 5.31 25.96 1.55
N VAL F 102 4.11 25.63 2.00
CA VAL F 102 3.09 26.59 2.38
C VAL F 102 2.68 26.31 3.82
N PRO F 103 3.13 27.11 4.77
CA PRO F 103 2.72 26.92 6.17
C PRO F 103 1.23 27.12 6.34
N PRO F 104 0.64 26.56 7.39
CA PRO F 104 -0.83 26.62 7.52
C PRO F 104 -1.38 27.99 7.85
N GLY F 105 -0.55 28.93 8.32
CA GLY F 105 -1.05 30.25 8.61
C GLY F 105 -1.18 31.09 7.35
N SER F 106 -0.20 30.96 6.47
CA SER F 106 -0.11 31.78 5.26
C SER F 106 -0.54 30.96 4.05
N ARG F 107 -1.85 30.78 3.93
CA ARG F 107 -2.43 29.97 2.86
C ARG F 107 -2.70 30.80 1.60
N LEU F 108 -1.70 31.59 1.22
CA LEU F 108 -1.71 32.32 -0.05
C LEU F 108 -0.43 32.15 -0.85
N ARG F 109 0.65 31.63 -0.25
CA ARG F 109 1.85 31.27 -1.00
C ARG F 109 1.50 30.24 -2.06
N GLY F 110 1.45 30.64 -3.32
CA GLY F 110 1.11 29.68 -4.35
C GLY F 110 0.83 30.25 -5.72
N CYS F 111 0.06 31.33 -5.78
CA CYS F 111 -0.32 31.93 -7.06
C CYS F 111 0.93 32.20 -7.90
N LEU F 112 0.76 32.17 -9.22
CA LEU F 112 1.92 32.32 -10.11
C LEU F 112 2.66 33.63 -9.89
N VAL F 113 2.10 34.55 -9.11
CA VAL F 113 2.87 35.70 -8.65
C VAL F 113 3.97 35.24 -7.68
N ASN F 114 3.78 34.09 -7.03
CA ASN F 114 4.80 33.50 -6.17
C ASN F 114 5.64 32.52 -6.99
N GLU F 115 6.38 33.09 -7.94
CA GLU F 115 7.17 32.31 -8.89
C GLU F 115 8.62 32.13 -8.43
N LEU F 116 8.84 32.04 -7.12
CA LEU F 116 10.15 31.79 -6.54
C LEU F 116 10.03 30.50 -5.73
N TYR F 117 10.32 29.38 -6.39
CA TYR F 117 10.20 28.06 -5.79
C TYR F 117 11.55 27.59 -5.26
N ASN F 118 11.50 26.78 -4.21
CA ASN F 118 12.70 26.35 -3.49
C ASN F 118 13.23 25.00 -3.95
N TYR F 119 12.36 24.09 -4.39
CA TYR F 119 12.76 22.77 -4.83
C TYR F 119 12.47 22.62 -6.32
N TRP F 120 13.32 21.86 -7.01
CA TRP F 120 13.20 21.69 -8.45
C TRP F 120 13.53 20.25 -8.83
N GLY F 121 12.94 19.81 -9.95
CA GLY F 121 13.32 18.57 -10.58
C GLY F 121 14.31 18.81 -11.71
N GLN F 122 14.87 17.70 -12.21
CA GLN F 122 15.79 17.80 -13.34
C GLN F 122 15.07 18.09 -14.66
N GLY F 123 13.75 17.98 -14.69
CA GLY F 123 13.02 18.30 -15.91
C GLY F 123 12.94 17.13 -16.86
N THR F 124 11.83 17.07 -17.60
CA THR F 124 11.60 16.03 -18.60
C THR F 124 11.41 16.69 -19.97
N GLN F 125 12.00 16.08 -20.99
CA GLN F 125 12.07 16.70 -22.31
C GLN F 125 10.86 16.31 -23.15
N VAL F 126 10.21 17.33 -23.72
CA VAL F 126 9.08 17.14 -24.63
C VAL F 126 9.48 17.69 -25.99
N THR F 127 9.44 16.85 -27.02
CA THR F 127 9.82 17.22 -28.37
C THR F 127 8.62 17.01 -29.29
N VAL F 128 8.15 18.10 -29.90
CA VAL F 128 7.01 18.07 -30.80
C VAL F 128 7.53 18.26 -32.21
N SER F 129 7.38 17.22 -33.03
CA SER F 129 7.86 17.26 -34.41
C SER F 129 7.05 16.28 -35.25
N SER F 130 6.94 16.58 -36.53
CA SER F 130 6.20 15.73 -37.46
C SER F 130 6.93 14.41 -37.69
O1 PG4 G . -7.73 19.55 34.72
C1 PG4 G . -6.49 19.13 35.23
C2 PG4 G . -5.68 20.27 35.78
O2 PG4 G . -4.40 19.78 36.21
C3 PG4 G . -3.73 19.05 35.19
C4 PG4 G . -2.33 18.75 35.62
O3 PG4 G . -2.36 17.79 36.67
C5 PG4 G . -1.05 17.43 37.10
C6 PG4 G . -1.16 16.59 38.33
O4 PG4 G . 0.14 16.33 38.84
C7 PG4 G . 0.14 15.97 40.21
C8 PG4 G . 1.49 16.23 40.79
O5 PG4 G . 1.48 16.20 42.20
#